data_1X1I
#
_entry.id   1X1I
#
_cell.length_a   53.802
_cell.length_b   90.677
_cell.length_c   77.920
_cell.angle_alpha   90.00
_cell.angle_beta   99.09
_cell.angle_gamma   90.00
#
_symmetry.space_group_name_H-M   'P 1 21 1'
#
loop_
_entity.id
_entity.type
_entity.pdbx_description
1 polymer 'xanthan lyase'
2 non-polymer '(4AR,6R,7S,8R,8AS)-HEXAHYDRO-6,7,8-TRIHYDROXY-2-METHYLPYRANO[3,2-D][1,3]DIOXINE-2-CARBOXYLIC ACID'
3 water water
#
_entity_poly.entity_id   1
_entity_poly.type   'polypeptide(L)'
_entity_poly.pdbx_seq_one_letter_code
;SDEFDALRIKWATLLTGGPALDPADSDIAARTDKLAQDANDYWEDMDLSSSRTYIWYALRGNGTSDNVNAVYERLRTMAL
AATTVGSSLYGNADLKEDILDALDWLYVNSYNSTRSRSAYNWWHWQLGIPMSLNDIAVLLYDDISAARMATYMDTIDYFT
PSIGLTGAARAWQAIVVGVRAVIVKDAVKLAAARNGLSGTGIFPYATGGDGFYADGSFVQHTTFAYTGGYGSSVLETTAN
LMYLLSGSTWSVSDPNQSNVWQWIYEAYRPLLYKGAMMDMVRGREISRSYAQDHAVGHGIVASIVRLAQFAPAPHAAAFK
QIAKRVIQEDTFSSFYGDVSTDTIRLAKAIVDDPSIAPAAAPNLYKQYAAMDRAVLQRPGFALGLALYSTRISSYESINS
ENGRGWYTGAGATYLYNQDLAQYSEDYWPTVDAYRIPGTTVASGTPIASGTGTSSWTGGVSLAGQYGASGMDLSYGAYNL
SARKSWFMFDDEIVALGSGISSTAGIPIETVVDNRKLNGAGDNAWTANGAALSTGLGVAQTLTGVNWVHLAGNTADGSDI
GYYFPGGATLQTKREARTGTWKQINNRPATPSTAVTRNYETMWIDHGTNPSGASYGYVLLPNKTSAQVGAYAADPAIEIV
VNTSGVQSVKEKTLGLVGANFWTDTTQTADLITSNKKASVMTREIADERLEASVSDPTQANNGTIAIELARSAEGYSADP
GITVTQLAPTIKFTVNVNGAKGKSFHASFQLG
;
_entity_poly.pdbx_strand_id   A
#
loop_
_chem_comp.id
_chem_comp.type
_chem_comp.name
_chem_comp.formula
46M D-saccharide '(4AR,6R,7S,8R,8AS)-HEXAHYDRO-6,7,8-TRIHYDROXY-2-METHYLPYRANO[3,2-D][1,3]DIOXINE-2-CARBOXYLIC ACID' 'C9 H14 O8'
#
# COMPACT_ATOMS: atom_id res chain seq x y z
N SER A 1 18.94 -27.33 30.23
CA SER A 1 18.37 -26.53 29.12
C SER A 1 19.45 -25.72 28.42
N ASP A 2 19.26 -25.49 27.11
CA ASP A 2 20.23 -24.74 26.34
C ASP A 2 19.60 -23.48 25.75
N GLU A 3 20.39 -22.75 24.98
CA GLU A 3 19.93 -21.52 24.36
C GLU A 3 18.84 -21.76 23.32
N PHE A 4 18.88 -22.92 22.67
CA PHE A 4 17.87 -23.24 21.66
C PHE A 4 16.51 -23.38 22.34
N ASP A 5 16.51 -23.94 23.54
CA ASP A 5 15.27 -24.10 24.30
C ASP A 5 14.71 -22.71 24.61
N ALA A 6 15.61 -21.78 24.94
CA ALA A 6 15.20 -20.42 25.26
C ALA A 6 14.54 -19.78 24.03
N LEU A 7 15.17 -19.95 22.87
CA LEU A 7 14.65 -19.40 21.63
C LEU A 7 13.30 -20.01 21.26
N ARG A 8 13.19 -21.32 21.44
CA ARG A 8 11.95 -22.02 21.13
C ARG A 8 10.81 -21.49 21.98
N ILE A 9 11.08 -21.28 23.26
CA ILE A 9 10.07 -20.78 24.18
C ILE A 9 9.73 -19.33 23.82
N LYS A 10 10.73 -18.57 23.40
CA LYS A 10 10.53 -17.18 23.02
C LYS A 10 9.63 -17.10 21.79
N TRP A 11 9.82 -18.04 20.86
CA TRP A 11 9.00 -18.08 19.66
C TRP A 11 7.60 -18.55 20.03
N ALA A 12 7.54 -19.54 20.92
CA ALA A 12 6.25 -20.07 21.36
C ALA A 12 5.37 -18.95 21.92
N THR A 13 5.98 -18.05 22.70
CA THR A 13 5.25 -16.93 23.28
C THR A 13 4.79 -15.97 22.19
N LEU A 14 5.62 -15.78 21.17
CA LEU A 14 5.26 -14.90 20.07
C LEU A 14 4.00 -15.45 19.40
N LEU A 15 3.83 -16.76 19.47
CA LEU A 15 2.68 -17.43 18.87
C LEU A 15 1.44 -17.52 19.77
N THR A 16 1.64 -17.81 21.04
CA THR A 16 0.54 -17.98 21.98
C THR A 16 0.17 -16.79 22.84
N GLY A 17 1.11 -15.87 23.03
CA GLY A 17 0.86 -14.72 23.89
C GLY A 17 1.54 -14.94 25.22
N GLY A 18 2.00 -16.17 25.43
CA GLY A 18 2.69 -16.49 26.67
C GLY A 18 1.81 -16.82 27.86
N PRO A 19 2.42 -17.20 28.99
CA PRO A 19 1.70 -17.56 30.23
C PRO A 19 1.04 -16.39 30.95
N ALA A 20 1.58 -15.19 30.77
CA ALA A 20 1.01 -14.01 31.41
C ALA A 20 -0.20 -13.49 30.66
N LEU A 21 -0.56 -14.17 29.58
CA LEU A 21 -1.70 -13.78 28.75
C LEU A 21 -2.95 -13.63 29.64
N ASP A 22 -3.23 -12.41 30.05
CA ASP A 22 -4.37 -12.09 30.92
C ASP A 22 -5.73 -12.32 30.27
N PRO A 23 -6.46 -13.34 30.73
CA PRO A 23 -7.79 -13.68 30.21
C PRO A 23 -8.87 -12.69 30.64
N ALA A 24 -8.52 -11.80 31.57
CA ALA A 24 -9.45 -10.80 32.07
C ALA A 24 -9.54 -9.60 31.12
N ASP A 25 -8.93 -9.75 29.94
CA ASP A 25 -8.94 -8.67 28.95
C ASP A 25 -10.04 -8.90 27.91
N SER A 26 -10.89 -7.90 27.73
CA SER A 26 -12.00 -7.96 26.79
C SER A 26 -11.61 -8.44 25.39
N ASP A 27 -10.67 -7.74 24.77
CA ASP A 27 -10.24 -8.09 23.42
C ASP A 27 -9.48 -9.41 23.36
N ILE A 28 -8.75 -9.73 24.43
CA ILE A 28 -8.00 -10.98 24.48
C ILE A 28 -8.99 -12.13 24.53
N ALA A 29 -9.87 -12.10 25.53
CA ALA A 29 -10.87 -13.14 25.69
C ALA A 29 -11.65 -13.28 24.38
N ALA A 30 -11.89 -12.15 23.72
CA ALA A 30 -12.62 -12.15 22.46
C ALA A 30 -11.83 -12.87 21.36
N ARG A 31 -10.51 -12.71 21.36
CA ARG A 31 -9.66 -13.36 20.37
C ARG A 31 -9.49 -14.84 20.67
N THR A 32 -9.32 -15.17 21.95
CA THR A 32 -9.14 -16.55 22.37
C THR A 32 -10.41 -17.37 22.15
N ASP A 33 -11.56 -16.72 22.23
CA ASP A 33 -12.83 -17.41 22.00
C ASP A 33 -12.99 -17.65 20.50
N LYS A 34 -12.55 -16.68 19.72
CA LYS A 34 -12.63 -16.79 18.27
C LYS A 34 -11.69 -17.92 17.81
N LEU A 35 -10.54 -18.02 18.48
CA LEU A 35 -9.56 -19.04 18.17
C LEU A 35 -10.14 -20.44 18.44
N ALA A 36 -10.56 -20.65 19.68
CA ALA A 36 -11.13 -21.93 20.09
C ALA A 36 -12.35 -22.25 19.23
N GLN A 37 -13.08 -21.22 18.84
CA GLN A 37 -14.27 -21.37 18.01
C GLN A 37 -13.89 -21.97 16.66
N ASP A 38 -12.91 -21.37 15.99
CA ASP A 38 -12.46 -21.84 14.69
C ASP A 38 -11.85 -23.24 14.80
N ALA A 39 -11.14 -23.50 15.89
CA ALA A 39 -10.52 -24.80 16.11
C ALA A 39 -11.55 -25.91 16.17
N ASN A 40 -12.60 -25.71 16.98
CA ASN A 40 -13.65 -26.71 17.11
C ASN A 40 -14.34 -26.98 15.79
N ASP A 41 -14.56 -25.92 15.01
CA ASP A 41 -15.21 -26.06 13.71
C ASP A 41 -14.40 -26.99 12.82
N TYR A 42 -13.08 -26.79 12.78
CA TYR A 42 -12.20 -27.62 11.97
C TYR A 42 -12.15 -29.05 12.51
N TRP A 43 -11.83 -29.16 13.81
CA TRP A 43 -11.72 -30.45 14.48
C TRP A 43 -12.98 -31.28 14.32
N GLU A 44 -14.12 -30.60 14.29
CA GLU A 44 -15.42 -31.26 14.15
C GLU A 44 -15.67 -31.74 12.73
N ASP A 45 -15.09 -31.04 11.75
CA ASP A 45 -15.27 -31.40 10.35
C ASP A 45 -14.17 -32.31 9.81
N MET A 46 -13.23 -32.68 10.68
CA MET A 46 -12.13 -33.55 10.29
C MET A 46 -12.60 -34.97 10.06
N ASP A 47 -11.94 -35.66 9.14
CA ASP A 47 -12.24 -37.06 8.88
C ASP A 47 -11.14 -37.77 9.66
N LEU A 48 -11.52 -38.45 10.75
CA LEU A 48 -10.55 -39.13 11.58
C LEU A 48 -10.41 -40.61 11.30
N SER A 49 -11.09 -41.10 10.26
CA SER A 49 -11.03 -42.50 9.91
C SER A 49 -9.60 -42.87 9.51
N SER A 50 -9.20 -44.10 9.84
CA SER A 50 -7.85 -44.56 9.53
C SER A 50 -7.66 -44.81 8.03
N SER A 51 -8.77 -44.82 7.29
CA SER A 51 -8.70 -45.05 5.86
C SER A 51 -9.09 -43.80 5.07
N ARG A 52 -8.99 -42.65 5.70
CA ARG A 52 -9.33 -41.38 5.06
C ARG A 52 -8.45 -41.07 3.87
N THR A 53 -8.99 -40.33 2.91
CA THR A 53 -8.27 -39.94 1.71
C THR A 53 -8.03 -38.43 1.74
N TYR A 54 -8.33 -37.82 2.88
CA TYR A 54 -8.16 -36.39 3.10
C TYR A 54 -8.41 -36.06 4.56
N ILE A 55 -8.01 -34.85 4.97
CA ILE A 55 -8.22 -34.43 6.35
C ILE A 55 -9.58 -33.71 6.39
N TRP A 56 -9.78 -32.84 5.41
CA TRP A 56 -11.04 -32.08 5.28
C TRP A 56 -11.51 -32.23 3.85
N TYR A 57 -12.75 -32.69 3.68
CA TYR A 57 -13.32 -32.88 2.35
C TYR A 57 -13.16 -31.65 1.45
N ALA A 58 -13.49 -30.49 1.98
CA ALA A 58 -13.41 -29.24 1.23
C ALA A 58 -12.00 -28.91 0.74
N LEU A 59 -10.99 -29.44 1.40
CA LEU A 59 -9.61 -29.16 1.02
C LEU A 59 -8.86 -30.37 0.46
N ARG A 60 -9.62 -31.38 0.02
CA ARG A 60 -9.00 -32.60 -0.53
C ARG A 60 -8.16 -32.28 -1.76
N GLY A 61 -7.15 -33.13 -2.01
CA GLY A 61 -6.27 -32.93 -3.14
C GLY A 61 -4.83 -32.80 -2.66
N ASN A 62 -4.19 -33.95 -2.43
CA ASN A 62 -2.81 -33.98 -1.94
C ASN A 62 -1.79 -33.29 -2.83
N GLY A 63 -2.18 -33.00 -4.07
CA GLY A 63 -1.26 -32.35 -5.00
C GLY A 63 -1.58 -30.89 -5.26
N THR A 64 -2.71 -30.42 -4.73
CA THR A 64 -3.13 -29.03 -4.90
C THR A 64 -2.48 -28.21 -3.80
N SER A 65 -1.38 -27.53 -4.12
CA SER A 65 -0.65 -26.73 -3.12
C SER A 65 -1.53 -25.73 -2.37
N ASP A 66 -2.50 -25.13 -3.07
CA ASP A 66 -3.41 -24.18 -2.44
C ASP A 66 -4.10 -24.82 -1.26
N ASN A 67 -4.68 -25.99 -1.50
CA ASN A 67 -5.41 -26.73 -0.48
C ASN A 67 -4.49 -27.28 0.59
N VAL A 68 -3.35 -27.81 0.20
CA VAL A 68 -2.41 -28.36 1.17
C VAL A 68 -1.96 -27.26 2.12
N ASN A 69 -1.68 -26.09 1.57
CA ASN A 69 -1.26 -24.95 2.39
C ASN A 69 -2.36 -24.60 3.39
N ALA A 70 -3.61 -24.62 2.92
CA ALA A 70 -4.75 -24.31 3.77
C ALA A 70 -4.91 -25.36 4.87
N VAL A 71 -4.64 -26.62 4.52
CA VAL A 71 -4.75 -27.70 5.49
C VAL A 71 -3.79 -27.45 6.65
N TYR A 72 -2.55 -27.11 6.32
CA TYR A 72 -1.56 -26.85 7.37
C TYR A 72 -1.93 -25.60 8.18
N GLU A 73 -2.55 -24.62 7.53
CA GLU A 73 -2.95 -23.40 8.24
C GLU A 73 -4.02 -23.74 9.26
N ARG A 74 -4.96 -24.62 8.90
CA ARG A 74 -6.01 -25.01 9.82
C ARG A 74 -5.42 -25.76 11.02
N LEU A 75 -4.46 -26.64 10.75
CA LEU A 75 -3.83 -27.40 11.81
C LEU A 75 -3.06 -26.45 12.74
N ARG A 76 -2.51 -25.39 12.18
CA ARG A 76 -1.78 -24.40 12.97
C ARG A 76 -2.76 -23.71 13.92
N THR A 77 -3.91 -23.31 13.39
CA THR A 77 -4.94 -22.65 14.20
C THR A 77 -5.35 -23.60 15.33
N MET A 78 -5.50 -24.88 15.01
CA MET A 78 -5.89 -25.87 16.00
C MET A 78 -4.82 -26.02 17.07
N ALA A 79 -3.55 -25.99 16.65
CA ALA A 79 -2.45 -26.10 17.59
C ALA A 79 -2.44 -24.87 18.50
N LEU A 80 -2.74 -23.71 17.92
CA LEU A 80 -2.78 -22.47 18.69
C LEU A 80 -3.84 -22.55 19.78
N ALA A 81 -5.01 -23.08 19.42
CA ALA A 81 -6.10 -23.21 20.37
C ALA A 81 -5.75 -24.14 21.54
N ALA A 82 -4.87 -25.10 21.28
CA ALA A 82 -4.49 -26.07 22.31
C ALA A 82 -3.30 -25.63 23.17
N THR A 83 -2.70 -24.49 22.83
CA THR A 83 -1.54 -24.01 23.57
C THR A 83 -1.65 -22.55 24.02
N THR A 84 -2.80 -21.94 23.78
CA THR A 84 -2.99 -20.55 24.17
C THR A 84 -3.74 -20.44 25.48
N VAL A 85 -3.09 -19.88 26.49
CA VAL A 85 -3.68 -19.71 27.81
C VAL A 85 -5.01 -18.97 27.67
N GLY A 86 -6.07 -19.53 28.24
CA GLY A 86 -7.37 -18.90 28.17
C GLY A 86 -8.30 -19.64 27.22
N SER A 87 -7.72 -20.36 26.27
CA SER A 87 -8.51 -21.13 25.31
C SER A 87 -9.17 -22.30 26.02
N SER A 88 -10.41 -22.59 25.63
CA SER A 88 -11.15 -23.69 26.23
C SER A 88 -10.59 -25.02 25.74
N LEU A 89 -9.64 -24.95 24.80
CA LEU A 89 -9.02 -26.14 24.25
C LEU A 89 -7.58 -26.28 24.72
N TYR A 90 -7.17 -25.36 25.59
CA TYR A 90 -5.81 -25.37 26.13
C TYR A 90 -5.47 -26.73 26.75
N GLY A 91 -4.38 -27.33 26.29
CA GLY A 91 -3.95 -28.61 26.82
C GLY A 91 -4.77 -29.84 26.48
N ASN A 92 -5.73 -29.71 25.56
CA ASN A 92 -6.56 -30.86 25.18
C ASN A 92 -5.70 -31.94 24.52
N ALA A 93 -5.55 -33.07 25.20
CA ALA A 93 -4.75 -34.18 24.70
C ALA A 93 -5.25 -34.76 23.38
N ASP A 94 -6.55 -34.99 23.29
CA ASP A 94 -7.15 -35.56 22.09
C ASP A 94 -6.93 -34.66 20.88
N LEU A 95 -7.15 -33.36 21.06
CA LEU A 95 -6.98 -32.40 19.98
C LEU A 95 -5.53 -32.44 19.48
N LYS A 96 -4.60 -32.46 20.42
CA LYS A 96 -3.17 -32.50 20.08
C LYS A 96 -2.80 -33.73 19.27
N GLU A 97 -3.30 -34.89 19.69
CA GLU A 97 -3.00 -36.14 19.00
C GLU A 97 -3.62 -36.17 17.61
N ASP A 98 -4.84 -35.66 17.47
CA ASP A 98 -5.51 -35.64 16.18
C ASP A 98 -4.73 -34.77 15.21
N ILE A 99 -4.09 -33.72 15.74
CA ILE A 99 -3.30 -32.82 14.92
C ILE A 99 -2.05 -33.55 14.44
N LEU A 100 -1.33 -34.18 15.37
CA LEU A 100 -0.12 -34.90 15.02
C LEU A 100 -0.40 -36.07 14.08
N ASP A 101 -1.53 -36.74 14.26
CA ASP A 101 -1.88 -37.85 13.37
C ASP A 101 -2.13 -37.27 11.98
N ALA A 102 -2.66 -36.05 11.95
CA ALA A 102 -2.94 -35.39 10.69
C ALA A 102 -1.62 -35.09 9.97
N LEU A 103 -0.65 -34.60 10.72
CA LEU A 103 0.66 -34.29 10.14
C LEU A 103 1.32 -35.56 9.60
N ASP A 104 1.18 -36.66 10.35
CA ASP A 104 1.77 -37.93 9.92
C ASP A 104 1.13 -38.39 8.61
N TRP A 105 -0.19 -38.28 8.52
CA TRP A 105 -0.91 -38.68 7.32
C TRP A 105 -0.49 -37.81 6.15
N LEU A 106 -0.42 -36.50 6.38
CA LEU A 106 -0.01 -35.56 5.34
C LEU A 106 1.40 -35.85 4.87
N TYR A 107 2.25 -36.28 5.81
CA TYR A 107 3.63 -36.61 5.48
C TYR A 107 3.68 -37.81 4.54
N VAL A 108 2.96 -38.87 4.91
CA VAL A 108 2.94 -40.09 4.11
C VAL A 108 2.24 -39.96 2.76
N ASN A 109 1.15 -39.17 2.71
CA ASN A 109 0.41 -39.04 1.46
C ASN A 109 0.49 -37.73 0.68
N SER A 110 1.10 -36.70 1.26
CA SER A 110 1.15 -35.44 0.55
C SER A 110 2.43 -34.63 0.60
N TYR A 111 2.85 -34.22 1.80
CA TYR A 111 4.03 -33.40 1.95
C TYR A 111 5.29 -34.16 2.35
N ASN A 112 6.09 -34.55 1.36
CA ASN A 112 7.32 -35.28 1.62
C ASN A 112 8.36 -35.11 0.51
N SER A 113 9.52 -35.73 0.70
CA SER A 113 10.63 -35.63 -0.24
C SER A 113 10.41 -36.26 -1.61
N THR A 114 9.29 -36.94 -1.83
CA THR A 114 9.05 -37.56 -3.14
C THR A 114 8.44 -36.57 -4.11
N ARG A 115 8.03 -35.41 -3.60
CA ARG A 115 7.43 -34.39 -4.44
C ARG A 115 8.48 -33.40 -4.91
N SER A 116 8.25 -32.82 -6.09
CA SER A 116 9.18 -31.83 -6.65
C SER A 116 9.12 -30.55 -5.82
N ARG A 117 10.28 -29.91 -5.64
CA ARG A 117 10.35 -28.67 -4.88
C ARG A 117 9.80 -27.51 -5.69
N SER A 118 9.82 -27.63 -7.01
CA SER A 118 9.36 -26.57 -7.90
C SER A 118 7.96 -26.70 -8.51
N ALA A 119 7.20 -27.71 -8.10
CA ALA A 119 5.86 -27.89 -8.62
C ALA A 119 4.98 -26.71 -8.18
N TYR A 120 4.02 -26.33 -9.01
CA TYR A 120 3.12 -25.23 -8.69
C TYR A 120 2.26 -25.61 -7.48
N ASN A 121 2.13 -24.72 -6.50
CA ASN A 121 2.74 -23.38 -6.46
C ASN A 121 3.97 -23.54 -5.56
N TRP A 122 5.16 -23.31 -6.11
CA TRP A 122 6.39 -23.46 -5.34
C TRP A 122 6.37 -22.72 -4.00
N TRP A 123 5.75 -21.54 -3.98
CA TRP A 123 5.68 -20.76 -2.75
C TRP A 123 5.09 -21.57 -1.60
N HIS A 124 4.05 -22.34 -1.88
CA HIS A 124 3.41 -23.15 -0.85
C HIS A 124 4.31 -24.26 -0.35
N TRP A 125 4.88 -25.02 -1.29
CA TRP A 125 5.76 -26.14 -0.96
C TRP A 125 7.02 -25.75 -0.19
N GLN A 126 7.66 -24.66 -0.60
CA GLN A 126 8.90 -24.23 0.04
C GLN A 126 8.77 -23.22 1.18
N LEU A 127 7.72 -22.40 1.14
CA LEU A 127 7.56 -21.37 2.17
C LEU A 127 6.29 -21.46 3.02
N GLY A 128 5.13 -21.43 2.38
CA GLY A 128 3.88 -21.47 3.12
C GLY A 128 3.69 -22.63 4.08
N ILE A 129 3.82 -23.85 3.58
CA ILE A 129 3.65 -25.02 4.42
C ILE A 129 4.72 -25.09 5.52
N PRO A 130 6.00 -24.90 5.17
CA PRO A 130 7.02 -24.96 6.22
C PRO A 130 6.78 -23.96 7.36
N MET A 131 6.33 -22.75 7.02
CA MET A 131 6.07 -21.77 8.07
C MET A 131 4.98 -22.26 9.01
N SER A 132 3.96 -22.91 8.47
CA SER A 132 2.88 -23.43 9.30
C SER A 132 3.38 -24.64 10.12
N LEU A 133 4.07 -25.56 9.45
CA LEU A 133 4.58 -26.75 10.11
C LEU A 133 5.58 -26.40 11.21
N ASN A 134 6.44 -25.42 10.96
CA ASN A 134 7.40 -25.01 11.98
C ASN A 134 6.67 -24.54 13.23
N ASP A 135 5.66 -23.70 13.03
CA ASP A 135 4.89 -23.18 14.17
C ASP A 135 4.22 -24.30 14.96
N ILE A 136 3.65 -25.27 14.24
CA ILE A 136 2.97 -26.38 14.91
C ILE A 136 3.99 -27.17 15.73
N ALA A 137 5.16 -27.40 15.14
CA ALA A 137 6.23 -28.15 15.81
C ALA A 137 6.69 -27.46 17.08
N VAL A 138 6.72 -26.13 17.07
CA VAL A 138 7.13 -25.38 18.25
C VAL A 138 6.05 -25.44 19.32
N LEU A 139 4.81 -25.24 18.91
CA LEU A 139 3.68 -25.26 19.83
C LEU A 139 3.46 -26.61 20.51
N LEU A 140 3.62 -27.69 19.76
CA LEU A 140 3.42 -29.02 20.31
C LEU A 140 4.73 -29.78 20.54
N TYR A 141 5.84 -29.03 20.59
CA TYR A 141 7.16 -29.60 20.78
C TYR A 141 7.24 -30.72 21.81
N ASP A 142 6.71 -30.47 23.01
CA ASP A 142 6.76 -31.45 24.09
C ASP A 142 5.94 -32.72 23.86
N ASP A 143 5.05 -32.69 22.88
CA ASP A 143 4.22 -33.85 22.59
C ASP A 143 4.66 -34.59 21.34
N ILE A 144 5.68 -34.07 20.66
CA ILE A 144 6.18 -34.68 19.43
C ILE A 144 7.38 -35.59 19.65
N SER A 145 7.23 -36.86 19.24
CA SER A 145 8.29 -37.86 19.39
C SER A 145 9.42 -37.58 18.40
N ALA A 146 10.58 -38.18 18.66
CA ALA A 146 11.73 -38.02 17.78
C ALA A 146 11.38 -38.50 16.37
N ALA A 147 10.68 -39.62 16.31
CA ALA A 147 10.28 -40.19 15.02
C ALA A 147 9.43 -39.19 14.24
N ARG A 148 8.42 -38.63 14.90
CA ARG A 148 7.54 -37.66 14.25
C ARG A 148 8.27 -36.40 13.82
N MET A 149 9.02 -35.79 14.74
CA MET A 149 9.74 -34.57 14.44
C MET A 149 10.68 -34.72 13.24
N ALA A 150 11.28 -35.90 13.11
CA ALA A 150 12.20 -36.14 12.00
C ALA A 150 11.47 -36.03 10.67
N THR A 151 10.29 -36.63 10.57
CA THR A 151 9.52 -36.59 9.33
C THR A 151 9.09 -35.17 9.00
N TYR A 152 8.79 -34.39 10.03
CA TYR A 152 8.36 -33.00 9.83
C TYR A 152 9.55 -32.13 9.40
N MET A 153 10.60 -32.14 10.22
CA MET A 153 11.78 -31.32 9.96
C MET A 153 12.65 -31.77 8.78
N ASP A 154 12.74 -33.08 8.54
CA ASP A 154 13.56 -33.54 7.42
C ASP A 154 12.89 -33.09 6.13
N THR A 155 11.56 -33.08 6.12
CA THR A 155 10.80 -32.66 4.95
C THR A 155 11.00 -31.17 4.67
N ILE A 156 10.98 -30.36 5.72
CA ILE A 156 11.18 -28.93 5.54
C ILE A 156 12.59 -28.66 5.00
N ASP A 157 13.56 -29.41 5.51
CA ASP A 157 14.94 -29.23 5.07
C ASP A 157 15.09 -29.59 3.60
N TYR A 158 14.29 -30.53 3.12
CA TYR A 158 14.33 -30.95 1.73
C TYR A 158 13.79 -29.83 0.83
N PHE A 159 12.67 -29.25 1.23
CA PHE A 159 12.06 -28.19 0.44
C PHE A 159 12.83 -26.87 0.52
N THR A 160 13.32 -26.53 1.71
CA THR A 160 14.06 -25.29 1.89
C THR A 160 15.24 -25.45 2.84
N PRO A 161 16.36 -25.98 2.33
CA PRO A 161 17.58 -26.21 3.10
C PRO A 161 18.45 -24.98 3.27
N SER A 162 18.26 -23.99 2.39
CA SER A 162 19.09 -22.80 2.45
C SER A 162 18.41 -21.52 1.99
N ILE A 163 19.09 -20.40 2.21
CA ILE A 163 18.59 -19.09 1.85
C ILE A 163 19.36 -18.59 0.63
N GLY A 164 18.67 -18.44 -0.49
CA GLY A 164 19.34 -17.98 -1.69
C GLY A 164 18.54 -17.05 -2.59
N LEU A 165 17.30 -16.78 -2.22
CA LEU A 165 16.44 -15.91 -3.02
C LEU A 165 16.60 -14.44 -2.65
N THR A 166 15.66 -13.60 -3.08
CA THR A 166 15.73 -12.18 -2.77
C THR A 166 14.42 -11.63 -2.20
N GLY A 167 14.50 -10.44 -1.59
CA GLY A 167 13.33 -9.80 -1.02
C GLY A 167 12.47 -10.66 -0.10
N ALA A 168 11.17 -10.57 -0.29
CA ALA A 168 10.22 -11.32 0.53
C ALA A 168 10.53 -12.82 0.51
N ALA A 169 10.84 -13.34 -0.67
CA ALA A 169 11.16 -14.76 -0.81
C ALA A 169 12.35 -15.09 0.08
N ARG A 170 13.38 -14.23 0.05
CA ARG A 170 14.56 -14.47 0.85
C ARG A 170 14.22 -14.39 2.34
N ALA A 171 13.41 -13.42 2.72
CA ALA A 171 13.02 -13.25 4.12
C ALA A 171 12.25 -14.48 4.59
N TRP A 172 11.34 -14.97 3.74
CA TRP A 172 10.57 -16.15 4.11
C TRP A 172 11.48 -17.36 4.26
N GLN A 173 12.45 -17.51 3.35
CA GLN A 173 13.38 -18.63 3.47
C GLN A 173 14.12 -18.53 4.80
N ALA A 174 14.50 -17.31 5.16
CA ALA A 174 15.21 -17.08 6.41
C ALA A 174 14.43 -17.49 7.65
N ILE A 175 13.14 -17.20 7.68
CA ILE A 175 12.33 -17.56 8.85
C ILE A 175 12.06 -19.06 8.87
N VAL A 176 11.98 -19.69 7.70
CA VAL A 176 11.74 -21.13 7.62
C VAL A 176 12.99 -21.86 8.12
N VAL A 177 14.15 -21.46 7.62
CA VAL A 177 15.41 -22.06 8.02
C VAL A 177 15.71 -21.77 9.49
N GLY A 178 15.42 -20.54 9.91
CA GLY A 178 15.66 -20.13 11.28
C GLY A 178 14.85 -20.84 12.34
N VAL A 179 13.53 -20.86 12.19
CA VAL A 179 12.68 -21.53 13.18
C VAL A 179 12.97 -23.02 13.24
N ARG A 180 13.24 -23.63 12.09
CA ARG A 180 13.55 -25.06 12.07
C ARG A 180 14.89 -25.28 12.80
N ALA A 181 15.84 -24.38 12.55
CA ALA A 181 17.16 -24.48 13.18
C ALA A 181 17.04 -24.46 14.69
N VAL A 182 16.07 -23.70 15.19
CA VAL A 182 15.83 -23.61 16.62
C VAL A 182 15.28 -24.94 17.11
N ILE A 183 14.29 -25.46 16.38
CA ILE A 183 13.65 -26.73 16.73
C ILE A 183 14.65 -27.89 16.79
N VAL A 184 15.47 -28.03 15.75
CA VAL A 184 16.44 -29.12 15.70
C VAL A 184 17.77 -28.77 16.35
N LYS A 185 17.90 -27.51 16.76
CA LYS A 185 19.11 -27.03 17.42
C LYS A 185 20.38 -27.05 16.56
N ASP A 186 20.29 -26.47 15.37
CA ASP A 186 21.42 -26.40 14.45
C ASP A 186 21.96 -24.98 14.43
N ALA A 187 23.07 -24.76 15.12
CA ALA A 187 23.69 -23.44 15.19
C ALA A 187 24.14 -22.92 13.83
N VAL A 188 24.48 -23.83 12.94
CA VAL A 188 24.94 -23.45 11.60
C VAL A 188 23.79 -22.87 10.78
N LYS A 189 22.66 -23.58 10.77
CA LYS A 189 21.49 -23.13 10.03
C LYS A 189 20.92 -21.86 10.63
N LEU A 190 21.02 -21.73 11.96
CA LEU A 190 20.49 -20.56 12.64
C LEU A 190 21.32 -19.32 12.30
N ALA A 191 22.63 -19.47 12.25
CA ALA A 191 23.51 -18.36 11.91
C ALA A 191 23.25 -17.96 10.46
N ALA A 192 22.86 -18.94 9.65
CA ALA A 192 22.56 -18.70 8.24
C ALA A 192 21.29 -17.86 8.11
N ALA A 193 20.28 -18.18 8.93
CA ALA A 193 19.02 -17.44 8.92
C ALA A 193 19.30 -15.99 9.29
N ARG A 194 20.12 -15.80 10.32
CA ARG A 194 20.50 -14.48 10.78
C ARG A 194 21.13 -13.68 9.64
N ASN A 195 22.16 -14.26 9.03
CA ASN A 195 22.86 -13.62 7.92
C ASN A 195 21.95 -13.37 6.72
N GLY A 196 20.93 -14.21 6.58
CA GLY A 196 20.02 -14.07 5.46
C GLY A 196 19.39 -12.70 5.31
N LEU A 197 19.12 -12.04 6.44
CA LEU A 197 18.50 -10.72 6.42
C LEU A 197 19.39 -9.64 5.80
N SER A 198 20.69 -9.90 5.73
CA SER A 198 21.64 -8.93 5.16
C SER A 198 21.61 -8.95 3.64
N GLY A 199 20.93 -9.94 3.07
CA GLY A 199 20.88 -10.08 1.61
C GLY A 199 19.97 -9.19 0.79
N THR A 200 20.07 -9.33 -0.53
CA THR A 200 19.31 -8.55 -1.49
C THR A 200 17.80 -8.48 -1.20
N GLY A 201 17.28 -7.25 -1.22
CA GLY A 201 15.85 -7.07 -0.99
C GLY A 201 15.42 -6.96 0.45
N ILE A 202 16.36 -7.08 1.38
CA ILE A 202 16.02 -6.97 2.80
C ILE A 202 16.72 -5.75 3.42
N PHE A 203 17.76 -5.96 4.23
CA PHE A 203 18.44 -4.82 4.85
C PHE A 203 19.02 -3.76 3.92
N PRO A 204 19.83 -4.16 2.94
CA PRO A 204 20.42 -3.18 2.01
C PRO A 204 19.41 -2.48 1.10
N TYR A 205 19.57 -1.16 0.95
CA TYR A 205 18.69 -0.39 0.08
C TYR A 205 18.89 -0.78 -1.36
N ALA A 206 17.79 -0.87 -2.10
CA ALA A 206 17.85 -1.20 -3.51
C ALA A 206 18.01 0.11 -4.26
N THR A 207 18.64 0.05 -5.43
CA THR A 207 18.85 1.23 -6.27
C THR A 207 18.28 0.87 -7.63
N GLY A 208 17.69 -0.31 -7.66
CA GLY A 208 17.08 -0.85 -8.85
C GLY A 208 16.66 -2.26 -8.48
N GLY A 209 15.53 -2.71 -9.02
CA GLY A 209 15.08 -4.04 -8.69
C GLY A 209 14.30 -4.07 -7.39
N ASP A 210 14.19 -5.26 -6.81
CA ASP A 210 13.43 -5.49 -5.58
C ASP A 210 14.06 -5.01 -4.28
N GLY A 211 13.20 -4.52 -3.39
CA GLY A 211 13.65 -4.06 -2.09
C GLY A 211 13.17 -2.68 -1.69
N PHE A 212 13.59 -2.24 -0.52
CA PHE A 212 13.25 -0.93 0.01
C PHE A 212 14.27 0.07 -0.54
N TYR A 213 13.81 1.27 -0.88
CA TYR A 213 14.69 2.30 -1.41
C TYR A 213 14.91 3.41 -0.39
N ALA A 214 15.99 4.16 -0.57
CA ALA A 214 16.30 5.26 0.33
C ALA A 214 15.16 6.28 0.33
N ASP A 215 14.50 6.46 -0.81
CA ASP A 215 13.41 7.44 -0.88
C ASP A 215 12.09 6.93 -0.31
N GLY A 216 12.13 5.76 0.33
CA GLY A 216 10.94 5.20 0.95
C GLY A 216 10.17 4.20 0.12
N SER A 217 10.45 4.11 -1.17
CA SER A 217 9.75 3.17 -2.04
C SER A 217 10.07 1.72 -1.75
N PHE A 218 9.23 0.82 -2.25
CA PHE A 218 9.44 -0.61 -2.11
C PHE A 218 8.97 -1.26 -3.40
N VAL A 219 9.86 -2.01 -4.03
CA VAL A 219 9.53 -2.69 -5.28
C VAL A 219 9.69 -4.20 -5.14
N GLN A 220 8.86 -4.94 -5.86
CA GLN A 220 8.95 -6.40 -5.86
C GLN A 220 8.59 -6.87 -7.25
N HIS A 221 9.15 -8.01 -7.65
CA HIS A 221 8.92 -8.57 -8.98
C HIS A 221 9.38 -7.58 -10.06
N THR A 222 10.51 -6.95 -9.77
CA THR A 222 11.18 -6.02 -10.68
C THR A 222 10.53 -4.69 -11.00
N THR A 223 9.23 -4.69 -11.30
CA THR A 223 8.58 -3.45 -11.70
C THR A 223 7.28 -3.07 -11.01
N PHE A 224 7.02 -3.61 -9.82
CA PHE A 224 5.77 -3.27 -9.15
C PHE A 224 5.91 -2.59 -7.80
N ALA A 225 5.11 -1.54 -7.58
CA ALA A 225 5.10 -0.79 -6.33
C ALA A 225 4.45 -1.78 -5.37
N TYR A 226 5.16 -2.17 -4.32
CA TYR A 226 4.63 -3.20 -3.43
C TYR A 226 4.76 -3.05 -1.92
N THR A 227 4.94 -1.84 -1.43
CA THR A 227 5.10 -1.61 0.01
C THR A 227 4.07 -2.31 0.89
N GLY A 228 2.82 -2.28 0.47
CA GLY A 228 1.75 -2.89 1.25
C GLY A 228 1.45 -4.36 0.96
N GLY A 229 2.11 -4.92 -0.03
CA GLY A 229 1.90 -6.32 -0.37
C GLY A 229 3.08 -7.13 0.10
N TYR A 230 4.05 -7.37 -0.79
CA TYR A 230 5.24 -8.11 -0.43
C TYR A 230 6.02 -7.36 0.64
N GLY A 231 5.91 -6.03 0.63
CA GLY A 231 6.61 -5.22 1.61
C GLY A 231 6.15 -5.55 3.02
N SER A 232 4.84 -5.67 3.20
CA SER A 232 4.26 -5.99 4.48
C SER A 232 4.82 -7.34 4.96
N SER A 233 5.01 -8.25 4.02
CA SER A 233 5.54 -9.58 4.33
C SER A 233 7.00 -9.48 4.76
N VAL A 234 7.81 -8.69 4.06
CA VAL A 234 9.22 -8.53 4.43
C VAL A 234 9.29 -7.92 5.82
N LEU A 235 8.45 -6.94 6.10
CA LEU A 235 8.43 -6.30 7.40
C LEU A 235 8.07 -7.27 8.51
N GLU A 236 6.96 -7.99 8.34
CA GLU A 236 6.51 -8.95 9.36
C GLU A 236 7.56 -10.03 9.63
N THR A 237 8.07 -10.64 8.57
CA THR A 237 9.06 -11.70 8.71
C THR A 237 10.35 -11.20 9.35
N THR A 238 10.84 -10.06 8.85
CA THR A 238 12.05 -9.47 9.38
C THR A 238 11.89 -9.10 10.85
N ALA A 239 10.77 -8.48 11.20
CA ALA A 239 10.53 -8.08 12.57
C ALA A 239 10.47 -9.30 13.50
N ASN A 240 9.83 -10.37 13.05
CA ASN A 240 9.73 -11.58 13.87
C ASN A 240 11.08 -12.27 14.07
N LEU A 241 11.83 -12.43 12.99
CA LEU A 241 13.12 -13.09 13.08
C LEU A 241 14.11 -12.25 13.89
N MET A 242 14.13 -10.94 13.63
CA MET A 242 15.03 -10.08 14.38
C MET A 242 14.70 -10.16 15.87
N TYR A 243 13.41 -10.13 16.20
CA TYR A 243 13.01 -10.21 17.60
C TYR A 243 13.42 -11.55 18.21
N LEU A 244 13.17 -12.63 17.49
CA LEU A 244 13.54 -13.96 17.99
C LEU A 244 15.03 -14.03 18.34
N LEU A 245 15.86 -13.53 17.44
CA LEU A 245 17.32 -13.58 17.60
C LEU A 245 17.90 -12.53 18.53
N SER A 246 17.20 -11.42 18.73
CA SER A 246 17.71 -10.35 19.57
C SER A 246 18.11 -10.81 20.98
N GLY A 247 19.32 -10.46 21.37
CA GLY A 247 19.81 -10.82 22.69
C GLY A 247 20.46 -12.20 22.77
N SER A 248 20.34 -12.98 21.71
CA SER A 248 20.92 -14.33 21.70
C SER A 248 22.30 -14.32 21.06
N THR A 249 22.91 -15.50 21.00
CA THR A 249 24.22 -15.67 20.40
C THR A 249 24.16 -15.31 18.91
N TRP A 250 22.96 -15.35 18.35
CA TRP A 250 22.76 -15.06 16.93
C TRP A 250 22.03 -13.75 16.67
N SER A 251 22.07 -12.85 17.65
CA SER A 251 21.41 -11.56 17.49
C SER A 251 21.97 -10.86 16.26
N VAL A 252 21.10 -10.21 15.50
CA VAL A 252 21.51 -9.51 14.29
C VAL A 252 22.48 -8.38 14.62
N SER A 253 23.63 -8.37 13.94
CA SER A 253 24.63 -7.34 14.19
C SER A 253 24.87 -6.44 12.98
N ASP A 254 24.37 -6.84 11.82
CA ASP A 254 24.53 -6.07 10.60
C ASP A 254 24.09 -4.62 10.81
N PRO A 255 25.00 -3.66 10.59
CA PRO A 255 24.72 -2.24 10.76
C PRO A 255 23.56 -1.74 9.90
N ASN A 256 23.37 -2.36 8.74
CA ASN A 256 22.30 -1.95 7.84
C ASN A 256 20.92 -2.27 8.41
N GLN A 257 20.90 -2.95 9.56
CA GLN A 257 19.62 -3.28 10.19
C GLN A 257 18.91 -2.00 10.61
N SER A 258 19.66 -0.91 10.71
CA SER A 258 19.09 0.38 11.08
C SER A 258 18.14 0.86 9.98
N ASN A 259 18.30 0.31 8.77
CA ASN A 259 17.44 0.69 7.65
C ASN A 259 15.99 0.31 7.95
N VAL A 260 15.81 -0.71 8.79
CA VAL A 260 14.47 -1.18 9.15
C VAL A 260 13.65 -0.09 9.82
N TRP A 261 14.29 0.70 10.68
CA TRP A 261 13.58 1.77 11.37
C TRP A 261 13.11 2.78 10.33
N GLN A 262 13.94 3.02 9.32
CA GLN A 262 13.58 3.97 8.27
C GLN A 262 12.41 3.46 7.44
N TRP A 263 12.28 2.14 7.31
CA TRP A 263 11.16 1.59 6.55
C TRP A 263 9.88 2.11 7.19
N ILE A 264 9.83 2.02 8.53
CA ILE A 264 8.65 2.47 9.25
C ILE A 264 8.36 3.95 9.05
N TYR A 265 9.35 4.80 9.29
CA TYR A 265 9.18 6.24 9.15
C TYR A 265 8.91 6.73 7.73
N GLU A 266 9.64 6.17 6.77
CA GLU A 266 9.53 6.60 5.38
C GLU A 266 8.71 5.76 4.42
N ALA A 267 8.75 4.44 4.58
CA ALA A 267 8.01 3.58 3.67
C ALA A 267 6.57 3.31 4.08
N TYR A 268 6.33 3.21 5.38
CA TYR A 268 4.99 2.91 5.88
C TYR A 268 4.17 4.06 6.44
N ARG A 269 4.75 4.84 7.35
CA ARG A 269 4.00 5.92 7.97
C ARG A 269 3.23 6.83 7.01
N PRO A 270 3.85 7.26 5.89
CA PRO A 270 3.14 8.14 4.96
C PRO A 270 2.04 7.46 4.15
N LEU A 271 2.02 6.14 4.15
CA LEU A 271 1.04 5.40 3.36
C LEU A 271 -0.07 4.76 4.18
N LEU A 272 -0.15 5.11 5.45
CA LEU A 272 -1.21 4.59 6.31
C LEU A 272 -2.16 5.74 6.61
N TYR A 273 -3.45 5.45 6.64
CA TYR A 273 -4.43 6.47 6.99
C TYR A 273 -5.48 5.83 7.88
N LYS A 274 -5.49 6.26 9.14
CA LYS A 274 -6.40 5.76 10.16
C LYS A 274 -6.58 4.24 10.16
N GLY A 275 -5.45 3.54 10.00
CA GLY A 275 -5.49 2.08 10.02
C GLY A 275 -5.42 1.39 8.68
N ALA A 276 -5.65 2.11 7.59
CA ALA A 276 -5.61 1.49 6.28
C ALA A 276 -4.27 1.65 5.58
N MET A 277 -3.79 0.58 4.96
CA MET A 277 -2.55 0.64 4.19
C MET A 277 -3.05 0.85 2.76
N MET A 278 -2.71 1.98 2.17
CA MET A 278 -3.17 2.31 0.82
C MET A 278 -3.04 1.21 -0.22
N ASP A 279 -4.16 0.92 -0.89
CA ASP A 279 -4.23 -0.11 -1.91
C ASP A 279 -3.24 0.08 -3.06
N MET A 280 -2.88 1.34 -3.36
CA MET A 280 -1.99 1.58 -4.47
C MET A 280 -0.60 0.96 -4.35
N VAL A 281 -0.24 0.47 -3.16
CA VAL A 281 1.06 -0.17 -2.98
C VAL A 281 0.90 -1.64 -2.58
N ARG A 282 -0.30 -2.18 -2.79
CA ARG A 282 -0.57 -3.57 -2.43
C ARG A 282 -0.57 -4.54 -3.63
N GLY A 283 -0.31 -4.00 -4.82
CA GLY A 283 -0.27 -4.87 -5.99
C GLY A 283 -1.50 -5.75 -6.21
N ARG A 284 -1.27 -7.01 -6.59
CA ARG A 284 -2.37 -7.92 -6.86
C ARG A 284 -3.14 -8.30 -5.60
N GLU A 285 -2.62 -7.92 -4.44
CA GLU A 285 -3.30 -8.27 -3.19
C GLU A 285 -4.60 -7.49 -2.96
N ILE A 286 -4.86 -6.48 -3.78
CA ILE A 286 -6.10 -5.73 -3.64
C ILE A 286 -7.27 -6.64 -3.99
N SER A 287 -6.99 -7.75 -4.69
CA SER A 287 -8.05 -8.67 -5.08
C SER A 287 -8.35 -9.74 -4.03
N ARG A 288 -7.71 -9.64 -2.86
CA ARG A 288 -7.90 -10.62 -1.79
C ARG A 288 -8.88 -10.15 -0.74
N SER A 289 -10.00 -10.86 -0.61
CA SER A 289 -11.04 -10.51 0.34
C SER A 289 -10.57 -10.43 1.79
N TYR A 290 -9.58 -11.26 2.14
CA TYR A 290 -9.05 -11.31 3.49
C TYR A 290 -7.92 -10.32 3.73
N ALA A 291 -7.63 -9.51 2.71
CA ALA A 291 -6.55 -8.53 2.82
C ALA A 291 -6.97 -7.16 2.30
N GLN A 292 -8.11 -6.66 2.79
CA GLN A 292 -8.54 -5.34 2.38
C GLN A 292 -7.69 -4.33 3.17
N ASP A 293 -7.68 -3.06 2.77
CA ASP A 293 -6.77 -2.11 3.39
C ASP A 293 -6.61 -2.00 4.91
N HIS A 294 -7.68 -2.14 5.68
CA HIS A 294 -7.52 -2.05 7.13
C HIS A 294 -6.94 -3.35 7.69
N ALA A 295 -7.30 -4.49 7.09
CA ALA A 295 -6.78 -5.77 7.55
C ALA A 295 -5.27 -5.74 7.36
N VAL A 296 -4.84 -5.18 6.25
CA VAL A 296 -3.42 -5.09 5.94
C VAL A 296 -2.74 -4.09 6.88
N GLY A 297 -3.40 -2.95 7.11
CA GLY A 297 -2.85 -1.94 7.99
C GLY A 297 -2.61 -2.49 9.39
N HIS A 298 -3.52 -3.33 9.88
CA HIS A 298 -3.36 -3.90 11.22
C HIS A 298 -2.09 -4.75 11.28
N GLY A 299 -1.84 -5.52 10.22
CA GLY A 299 -0.65 -6.36 10.20
C GLY A 299 0.61 -5.53 10.27
N ILE A 300 0.59 -4.37 9.61
CA ILE A 300 1.75 -3.49 9.61
C ILE A 300 1.98 -2.95 11.02
N VAL A 301 0.90 -2.56 11.70
CA VAL A 301 1.01 -2.05 13.05
C VAL A 301 1.48 -3.16 13.99
N ALA A 302 1.03 -4.39 13.72
CA ALA A 302 1.44 -5.53 14.53
C ALA A 302 2.97 -5.67 14.45
N SER A 303 3.52 -5.44 13.26
CA SER A 303 4.96 -5.53 13.07
C SER A 303 5.68 -4.41 13.80
N ILE A 304 5.07 -3.23 13.81
CA ILE A 304 5.65 -2.08 14.49
C ILE A 304 5.68 -2.37 16.00
N VAL A 305 4.63 -3.01 16.50
CA VAL A 305 4.56 -3.38 17.90
C VAL A 305 5.66 -4.41 18.21
N ARG A 306 5.90 -5.30 17.26
CA ARG A 306 6.93 -6.33 17.40
C ARG A 306 8.32 -5.66 17.47
N LEU A 307 8.57 -4.72 16.57
CA LEU A 307 9.85 -4.02 16.54
C LEU A 307 10.08 -3.23 17.83
N ALA A 308 8.98 -2.69 18.38
CA ALA A 308 9.05 -1.90 19.61
C ALA A 308 9.56 -2.71 20.79
N GLN A 309 9.60 -4.03 20.64
CA GLN A 309 10.05 -4.89 21.74
C GLN A 309 11.56 -5.02 21.89
N PHE A 310 12.31 -4.69 20.84
CA PHE A 310 13.77 -4.84 20.89
C PHE A 310 14.56 -3.74 20.20
N ALA A 311 13.89 -2.90 19.41
CA ALA A 311 14.58 -1.83 18.70
C ALA A 311 15.27 -0.92 19.72
N PRO A 312 16.43 -0.35 19.34
CA PRO A 312 17.18 0.55 20.23
C PRO A 312 16.58 1.94 20.27
N ALA A 313 16.93 2.72 21.29
CA ALA A 313 16.41 4.08 21.41
C ALA A 313 16.93 4.94 20.26
N PRO A 314 16.15 5.93 19.82
CA PRO A 314 14.82 6.27 20.34
C PRO A 314 13.71 5.63 19.52
N HIS A 315 14.06 4.62 18.73
CA HIS A 315 13.09 3.96 17.87
C HIS A 315 11.98 3.17 18.55
N ALA A 316 12.30 2.41 19.59
CA ALA A 316 11.27 1.65 20.30
C ALA A 316 10.17 2.60 20.77
N ALA A 317 10.56 3.69 21.40
CA ALA A 317 9.61 4.66 21.90
C ALA A 317 8.76 5.23 20.78
N ALA A 318 9.42 5.61 19.68
CA ALA A 318 8.72 6.18 18.53
C ALA A 318 7.70 5.19 17.97
N PHE A 319 8.09 3.93 17.83
CA PHE A 319 7.20 2.90 17.30
C PHE A 319 5.97 2.73 18.19
N LYS A 320 6.17 2.81 19.50
CA LYS A 320 5.07 2.66 20.42
C LYS A 320 4.09 3.82 20.25
N GLN A 321 4.61 5.01 20.00
CA GLN A 321 3.77 6.18 19.79
C GLN A 321 2.96 6.05 18.50
N ILE A 322 3.61 5.53 17.46
CA ILE A 322 2.93 5.36 16.18
C ILE A 322 1.82 4.32 16.32
N ALA A 323 2.13 3.18 16.92
CA ALA A 323 1.13 2.14 17.09
C ALA A 323 -0.05 2.65 17.90
N LYS A 324 0.22 3.40 18.97
CA LYS A 324 -0.86 3.91 19.81
C LYS A 324 -1.81 4.80 19.01
N ARG A 325 -1.23 5.62 18.14
CA ARG A 325 -2.02 6.53 17.32
C ARG A 325 -2.95 5.76 16.39
N VAL A 326 -2.38 4.85 15.61
CA VAL A 326 -3.16 4.07 14.65
C VAL A 326 -4.25 3.24 15.31
N ILE A 327 -3.95 2.65 16.47
CA ILE A 327 -4.95 1.85 17.16
C ILE A 327 -6.14 2.72 17.56
N GLN A 328 -5.86 3.93 18.03
CA GLN A 328 -6.91 4.86 18.44
C GLN A 328 -7.69 5.36 17.23
N GLU A 329 -6.97 5.56 16.13
CA GLU A 329 -7.56 6.07 14.89
C GLU A 329 -8.56 5.16 14.21
N ASP A 330 -8.27 3.86 14.20
CA ASP A 330 -9.13 2.92 13.49
C ASP A 330 -10.42 2.51 14.17
N THR A 331 -11.48 3.28 13.88
CA THR A 331 -12.79 3.05 14.45
C THR A 331 -13.65 2.20 13.50
N PHE A 332 -13.05 1.76 12.39
CA PHE A 332 -13.74 0.94 11.41
C PHE A 332 -13.66 -0.53 11.78
N SER A 333 -12.45 -0.98 12.09
CA SER A 333 -12.19 -2.36 12.47
C SER A 333 -11.22 -2.35 13.64
N SER A 334 -11.61 -2.97 14.76
CA SER A 334 -10.73 -2.99 15.92
C SER A 334 -9.42 -3.67 15.61
N PHE A 335 -8.33 -2.97 15.91
CA PHE A 335 -6.99 -3.48 15.68
C PHE A 335 -6.82 -4.87 16.30
N TYR A 336 -7.35 -5.02 17.51
CA TYR A 336 -7.24 -6.27 18.25
C TYR A 336 -8.03 -7.43 17.63
N GLY A 337 -8.99 -7.10 16.78
CA GLY A 337 -9.83 -8.12 16.17
C GLY A 337 -9.21 -9.10 15.20
N ASP A 338 -8.12 -8.71 14.53
CA ASP A 338 -7.49 -9.60 13.57
C ASP A 338 -5.97 -9.68 13.64
N VAL A 339 -5.42 -9.57 14.84
CA VAL A 339 -3.97 -9.69 15.03
C VAL A 339 -3.74 -10.82 16.02
N SER A 340 -2.48 -11.25 16.16
CA SER A 340 -2.16 -12.35 17.08
C SER A 340 -2.42 -12.00 18.53
N THR A 341 -2.60 -13.02 19.36
CA THR A 341 -2.86 -12.82 20.77
C THR A 341 -1.69 -12.10 21.44
N ASP A 342 -0.46 -12.43 21.03
CA ASP A 342 0.70 -11.77 21.63
C ASP A 342 0.71 -10.31 21.23
N THR A 343 0.32 -10.02 20.00
CA THR A 343 0.28 -8.63 19.55
C THR A 343 -0.71 -7.86 20.41
N ILE A 344 -1.83 -8.50 20.75
CA ILE A 344 -2.83 -7.86 21.59
C ILE A 344 -2.25 -7.55 22.96
N ARG A 345 -1.55 -8.52 23.54
CA ARG A 345 -0.94 -8.35 24.85
C ARG A 345 0.05 -7.19 24.85
N LEU A 346 0.91 -7.17 23.85
CA LEU A 346 1.92 -6.12 23.74
C LEU A 346 1.31 -4.76 23.41
N ALA A 347 0.28 -4.77 22.57
CA ALA A 347 -0.38 -3.53 22.18
C ALA A 347 -1.10 -2.90 23.36
N LYS A 348 -1.83 -3.70 24.12
CA LYS A 348 -2.55 -3.21 25.28
C LYS A 348 -1.60 -2.57 26.28
N ALA A 349 -0.39 -3.14 26.40
CA ALA A 349 0.60 -2.59 27.32
C ALA A 349 0.98 -1.17 26.90
N ILE A 350 0.99 -0.93 25.59
CA ILE A 350 1.32 0.39 25.05
C ILE A 350 0.14 1.35 25.20
N VAL A 351 -1.02 0.93 24.74
CA VAL A 351 -2.23 1.74 24.81
C VAL A 351 -2.59 2.12 26.24
N ASP A 352 -2.41 1.19 27.17
CA ASP A 352 -2.74 1.41 28.57
C ASP A 352 -1.71 2.21 29.37
N ASP A 353 -0.56 2.50 28.76
CA ASP A 353 0.49 3.25 29.45
C ASP A 353 0.24 4.75 29.25
N PRO A 354 -0.16 5.47 30.31
CA PRO A 354 -0.43 6.90 30.22
C PRO A 354 0.78 7.77 29.87
N SER A 355 1.99 7.25 30.07
CA SER A 355 3.20 8.00 29.76
C SER A 355 3.51 8.00 28.27
N ILE A 356 2.77 7.21 27.50
CA ILE A 356 2.97 7.15 26.07
C ILE A 356 1.86 7.90 25.37
N ALA A 357 2.22 8.94 24.64
CA ALA A 357 1.24 9.74 23.92
C ALA A 357 1.22 9.32 22.46
N PRO A 358 0.04 9.36 21.83
CA PRO A 358 -0.06 8.97 20.41
C PRO A 358 0.84 9.90 19.61
N ALA A 359 1.49 9.37 18.59
CA ALA A 359 2.36 10.21 17.77
C ALA A 359 1.50 11.15 16.94
N ALA A 360 2.11 12.22 16.45
CA ALA A 360 1.39 13.16 15.60
C ALA A 360 1.11 12.47 14.28
N ALA A 361 0.02 12.84 13.63
CA ALA A 361 -0.33 12.23 12.35
C ALA A 361 0.63 12.74 11.29
N PRO A 362 0.87 11.96 10.23
CA PRO A 362 1.80 12.45 9.20
C PRO A 362 1.16 13.67 8.53
N ASN A 363 1.99 14.62 8.12
CA ASN A 363 1.50 15.82 7.45
C ASN A 363 2.61 16.19 6.47
N LEU A 364 2.39 15.90 5.20
CA LEU A 364 3.41 16.18 4.20
C LEU A 364 2.99 15.76 2.81
N TYR A 365 3.89 15.99 1.86
CA TYR A 365 3.73 15.57 0.48
C TYR A 365 5.00 14.75 0.27
N LYS A 366 4.87 13.53 -0.24
CA LYS A 366 6.06 12.72 -0.48
C LYS A 366 6.01 12.11 -1.86
N GLN A 367 7.13 12.21 -2.58
CA GLN A 367 7.22 11.64 -3.90
C GLN A 367 8.01 10.35 -3.80
N TYR A 368 7.37 9.24 -4.12
CA TYR A 368 8.03 7.95 -4.10
C TYR A 368 8.51 7.72 -5.53
N ALA A 369 9.56 8.46 -5.89
CA ALA A 369 10.12 8.40 -7.24
C ALA A 369 10.47 7.01 -7.75
N ALA A 370 10.96 6.15 -6.87
CA ALA A 370 11.38 4.80 -7.25
C ALA A 370 10.24 3.83 -7.57
N MET A 371 9.00 4.17 -7.22
CA MET A 371 7.89 3.29 -7.52
C MET A 371 6.68 4.00 -8.13
N ASP A 372 6.93 5.17 -8.71
CA ASP A 372 5.89 5.97 -9.36
C ASP A 372 4.64 6.19 -8.53
N ARG A 373 4.83 6.54 -7.27
CA ARG A 373 3.71 6.81 -6.37
C ARG A 373 3.96 8.16 -5.71
N ALA A 374 2.89 8.74 -5.16
CA ALA A 374 2.99 10.03 -4.47
C ALA A 374 1.87 10.07 -3.44
N VAL A 375 2.09 10.80 -2.35
CA VAL A 375 1.05 10.88 -1.33
C VAL A 375 1.02 12.25 -0.66
N LEU A 376 -0.17 12.68 -0.29
CA LEU A 376 -0.40 13.94 0.40
C LEU A 376 -1.14 13.58 1.69
N GLN A 377 -0.59 13.99 2.82
CA GLN A 377 -1.21 13.72 4.13
C GLN A 377 -1.50 15.05 4.81
N ARG A 378 -2.75 15.22 5.24
CA ARG A 378 -3.19 16.44 5.89
C ARG A 378 -4.19 16.14 6.99
N PRO A 379 -4.52 17.14 7.81
CA PRO A 379 -5.50 16.84 8.86
C PRO A 379 -6.83 16.57 8.17
N GLY A 380 -7.45 15.43 8.47
CA GLY A 380 -8.73 15.15 7.84
C GLY A 380 -8.74 14.40 6.53
N PHE A 381 -7.58 14.20 5.89
CA PHE A 381 -7.57 13.45 4.63
C PHE A 381 -6.18 13.14 4.11
N ALA A 382 -6.13 12.17 3.21
CA ALA A 382 -4.89 11.78 2.56
C ALA A 382 -5.26 11.48 1.11
N LEU A 383 -4.35 11.80 0.20
CA LEU A 383 -4.58 11.53 -1.21
C LEU A 383 -3.42 10.72 -1.74
N GLY A 384 -3.70 9.56 -2.32
CA GLY A 384 -2.64 8.74 -2.87
C GLY A 384 -2.75 8.77 -4.38
N LEU A 385 -1.61 8.91 -5.08
CA LEU A 385 -1.59 8.94 -6.53
C LEU A 385 -0.76 7.78 -7.08
N ALA A 386 -1.36 6.97 -7.94
CA ALA A 386 -0.69 5.80 -8.49
C ALA A 386 -0.44 5.96 -9.99
N LEU A 387 0.83 5.90 -10.38
CA LEU A 387 1.23 6.07 -11.77
C LEU A 387 2.06 4.88 -12.25
N TYR A 388 2.44 4.91 -13.53
CA TYR A 388 3.28 3.86 -14.08
C TYR A 388 4.12 4.48 -15.18
N SER A 389 5.12 3.74 -15.67
CA SER A 389 6.02 4.28 -16.67
C SER A 389 6.84 3.17 -17.29
N THR A 390 7.98 3.55 -17.85
CA THR A 390 8.91 2.59 -18.45
C THR A 390 9.57 1.79 -17.34
N ARG A 391 9.48 2.29 -16.11
CA ARG A 391 10.10 1.66 -14.96
C ARG A 391 9.16 0.86 -14.05
N ILE A 392 7.90 1.24 -14.03
CA ILE A 392 6.90 0.58 -13.18
C ILE A 392 5.71 0.11 -14.02
N SER A 393 5.27 -1.11 -13.77
CA SER A 393 4.16 -1.71 -14.52
C SER A 393 2.78 -1.17 -14.15
N SER A 394 1.87 -1.25 -15.12
CA SER A 394 0.49 -0.80 -14.96
C SER A 394 -0.18 -1.47 -13.76
N TYR A 395 -0.02 -2.80 -13.67
CA TYR A 395 -0.58 -3.58 -12.57
C TYR A 395 -0.06 -5.01 -12.69
N GLU A 396 -0.12 -5.76 -11.60
CA GLU A 396 0.32 -7.15 -11.65
C GLU A 396 -0.88 -8.08 -11.55
N SER A 397 -0.86 -9.13 -12.35
CA SER A 397 -1.93 -10.11 -12.33
C SER A 397 -1.34 -11.49 -12.64
N ILE A 398 -1.11 -12.27 -11.60
CA ILE A 398 -0.57 -13.61 -11.77
C ILE A 398 -1.35 -14.54 -10.85
N ASN A 399 -1.22 -15.84 -11.09
CA ASN A 399 -1.90 -16.84 -10.30
C ASN A 399 -3.42 -16.62 -10.23
N SER A 400 -3.96 -16.07 -11.32
CA SER A 400 -5.39 -15.81 -11.42
C SER A 400 -5.92 -14.72 -10.48
N GLU A 401 -5.02 -13.85 -10.02
CA GLU A 401 -5.42 -12.77 -9.12
C GLU A 401 -5.31 -11.39 -9.76
N ASN A 402 -6.26 -10.51 -9.42
CA ASN A 402 -6.27 -9.13 -9.90
C ASN A 402 -6.42 -8.98 -11.43
N GLY A 403 -7.25 -9.84 -12.03
CA GLY A 403 -7.44 -9.78 -13.47
C GLY A 403 -8.07 -8.51 -14.01
N ARG A 404 -8.60 -7.68 -13.12
CA ARG A 404 -9.23 -6.43 -13.54
C ARG A 404 -8.54 -5.22 -12.90
N GLY A 405 -7.24 -5.33 -12.66
CA GLY A 405 -6.50 -4.25 -12.05
C GLY A 405 -5.95 -3.23 -13.04
N TRP A 406 -6.38 -3.38 -14.30
CA TRP A 406 -5.96 -2.54 -15.41
C TRP A 406 -5.52 -1.10 -15.15
N TYR A 407 -6.42 -0.28 -14.62
CA TYR A 407 -6.13 1.13 -14.39
C TYR A 407 -5.86 1.57 -12.96
N THR A 408 -5.62 0.61 -12.08
CA THR A 408 -5.38 0.92 -10.67
C THR A 408 -4.08 1.70 -10.43
N GLY A 409 -3.24 1.79 -11.46
CA GLY A 409 -1.99 2.53 -11.32
C GLY A 409 -1.71 3.40 -12.53
N ALA A 410 -2.76 3.85 -13.20
CA ALA A 410 -2.63 4.68 -14.39
C ALA A 410 -3.17 6.08 -14.18
N GLY A 411 -2.58 6.80 -13.23
CA GLY A 411 -3.03 8.15 -12.93
C GLY A 411 -4.26 8.07 -12.04
N ALA A 412 -4.30 7.03 -11.21
CA ALA A 412 -5.42 6.80 -10.32
C ALA A 412 -5.25 7.58 -9.01
N THR A 413 -6.32 8.25 -8.59
CA THR A 413 -6.31 9.02 -7.36
C THR A 413 -7.14 8.26 -6.32
N TYR A 414 -6.63 8.22 -5.09
CA TYR A 414 -7.31 7.56 -4.00
C TYR A 414 -7.43 8.57 -2.87
N LEU A 415 -8.65 8.89 -2.47
CA LEU A 415 -8.89 9.86 -1.41
C LEU A 415 -9.35 9.17 -0.14
N TYR A 416 -8.66 9.45 0.96
CA TYR A 416 -8.96 8.85 2.25
C TYR A 416 -9.50 9.92 3.20
N ASN A 417 -10.65 9.65 3.78
CA ASN A 417 -11.23 10.60 4.72
C ASN A 417 -11.90 9.83 5.85
N GLN A 418 -12.85 10.43 6.55
CA GLN A 418 -13.49 9.77 7.68
C GLN A 418 -14.27 8.50 7.33
N ASP A 419 -14.53 8.28 6.04
CA ASP A 419 -15.21 7.05 5.63
C ASP A 419 -14.09 6.03 5.51
N LEU A 420 -13.67 5.50 6.65
CA LEU A 420 -12.58 4.54 6.68
C LEU A 420 -12.85 3.27 5.88
N ALA A 421 -14.13 2.98 5.65
CA ALA A 421 -14.53 1.78 4.93
C ALA A 421 -14.59 1.91 3.41
N GLN A 422 -14.31 3.10 2.89
CA GLN A 422 -14.39 3.34 1.44
C GLN A 422 -13.82 2.25 0.56
N TYR A 423 -12.57 1.86 0.81
CA TYR A 423 -11.93 0.85 -0.02
C TYR A 423 -12.03 -0.57 0.51
N SER A 424 -12.72 -0.73 1.64
CA SER A 424 -12.93 -2.05 2.19
C SER A 424 -14.41 -2.38 1.95
N GLU A 425 -14.96 -3.33 2.70
CA GLU A 425 -16.35 -3.71 2.53
C GLU A 425 -16.71 -4.02 1.08
N ASP A 426 -15.88 -4.86 0.48
CA ASP A 426 -16.09 -5.35 -0.88
C ASP A 426 -16.10 -4.31 -1.99
N TYR A 427 -15.24 -3.31 -1.84
CA TYR A 427 -15.12 -2.27 -2.85
C TYR A 427 -14.57 -2.85 -4.14
N TRP A 428 -13.44 -3.56 -4.03
CA TRP A 428 -12.79 -4.10 -5.23
C TRP A 428 -13.60 -5.05 -6.13
N PRO A 429 -14.44 -5.91 -5.56
CA PRO A 429 -15.19 -6.79 -6.47
C PRO A 429 -16.45 -6.15 -7.06
N THR A 430 -16.82 -4.96 -6.57
CA THR A 430 -18.02 -4.30 -7.06
C THR A 430 -17.78 -3.04 -7.90
N VAL A 431 -16.72 -2.31 -7.60
CA VAL A 431 -16.44 -1.08 -8.35
C VAL A 431 -16.24 -1.37 -9.83
N ASP A 432 -16.57 -0.40 -10.67
CA ASP A 432 -16.39 -0.54 -12.11
C ASP A 432 -14.89 -0.39 -12.35
N ALA A 433 -14.21 -1.49 -12.65
CA ALA A 433 -12.76 -1.50 -12.88
C ALA A 433 -12.34 -0.68 -14.08
N TYR A 434 -13.29 -0.37 -14.97
CA TYR A 434 -12.99 0.43 -16.14
C TYR A 434 -13.06 1.91 -15.82
N ARG A 435 -13.50 2.24 -14.60
CA ARG A 435 -13.60 3.65 -14.21
C ARG A 435 -12.95 3.96 -12.86
N ILE A 436 -11.63 3.83 -12.82
CA ILE A 436 -10.86 4.12 -11.62
C ILE A 436 -10.72 5.65 -11.54
N PRO A 437 -11.01 6.24 -10.38
CA PRO A 437 -10.90 7.69 -10.22
C PRO A 437 -9.58 8.27 -10.69
N GLY A 438 -9.68 9.40 -11.40
CA GLY A 438 -8.50 10.11 -11.89
C GLY A 438 -7.92 9.69 -13.22
N THR A 439 -8.29 8.52 -13.70
CA THR A 439 -7.74 7.99 -14.95
C THR A 439 -8.42 8.46 -16.23
N THR A 440 -7.68 8.37 -17.34
CA THR A 440 -8.20 8.72 -18.66
C THR A 440 -8.05 7.43 -19.46
N VAL A 441 -9.17 6.95 -20.02
CA VAL A 441 -9.17 5.69 -20.74
C VAL A 441 -10.11 5.64 -21.93
N ALA A 442 -10.00 4.55 -22.69
CA ALA A 442 -10.92 4.31 -23.79
C ALA A 442 -12.03 3.59 -23.02
N SER A 443 -13.23 4.13 -23.06
CA SER A 443 -14.37 3.58 -22.34
C SER A 443 -14.54 2.06 -22.39
N GLY A 444 -14.65 1.44 -21.22
CA GLY A 444 -14.84 0.00 -21.13
C GLY A 444 -13.81 -0.87 -21.83
N THR A 445 -12.62 -0.32 -22.04
CA THR A 445 -11.55 -1.04 -22.72
C THR A 445 -10.38 -1.25 -21.76
N PRO A 446 -9.83 -2.47 -21.71
CA PRO A 446 -8.70 -2.75 -20.82
C PRO A 446 -7.33 -2.48 -21.44
N ILE A 447 -6.28 -2.59 -20.62
CA ILE A 447 -4.92 -2.45 -21.09
C ILE A 447 -4.17 -3.65 -20.53
N ALA A 448 -2.96 -3.89 -21.00
CA ALA A 448 -2.18 -5.04 -20.54
C ALA A 448 -1.35 -4.76 -19.30
N SER A 449 -0.88 -5.83 -18.67
CA SER A 449 -0.03 -5.70 -17.49
C SER A 449 1.39 -5.51 -18.02
N GLY A 450 1.99 -4.37 -17.71
CA GLY A 450 3.34 -4.15 -18.19
C GLY A 450 3.79 -2.70 -18.07
N THR A 451 5.08 -2.47 -18.34
CA THR A 451 5.62 -1.13 -18.28
C THR A 451 5.18 -0.38 -19.54
N GLY A 452 5.13 0.95 -19.42
CA GLY A 452 4.74 1.78 -20.55
C GLY A 452 5.96 2.17 -21.36
N THR A 453 5.75 3.05 -22.34
CA THR A 453 6.84 3.50 -23.20
C THR A 453 7.29 4.92 -22.83
N SER A 454 6.57 5.55 -21.91
CA SER A 454 6.85 6.91 -21.47
C SER A 454 7.70 6.96 -20.20
N SER A 455 8.75 7.78 -20.21
CA SER A 455 9.61 7.90 -19.04
C SER A 455 9.21 9.05 -18.12
N TRP A 456 8.40 9.98 -18.63
CA TRP A 456 7.98 11.13 -17.84
C TRP A 456 6.84 10.76 -16.90
N THR A 457 7.21 10.26 -15.74
CA THR A 457 6.27 9.89 -14.69
C THR A 457 7.00 10.22 -13.40
N GLY A 458 6.39 11.07 -12.57
CA GLY A 458 7.02 11.45 -11.32
C GLY A 458 6.50 12.79 -10.85
N GLY A 459 7.35 13.54 -10.15
CA GLY A 459 6.90 14.83 -9.67
C GLY A 459 7.94 15.54 -8.83
N VAL A 460 7.52 16.64 -8.22
CA VAL A 460 8.39 17.45 -7.40
C VAL A 460 7.77 17.66 -6.04
N SER A 461 8.63 17.74 -5.03
CA SER A 461 8.20 17.98 -3.66
C SER A 461 8.82 19.31 -3.22
N LEU A 462 7.99 20.19 -2.66
CA LEU A 462 8.49 21.47 -2.18
C LEU A 462 8.61 21.36 -0.68
N ALA A 463 9.83 21.10 -0.21
CA ALA A 463 10.11 20.96 1.21
C ALA A 463 9.24 19.92 1.89
N GLY A 464 8.82 18.91 1.14
CA GLY A 464 7.99 17.86 1.69
C GLY A 464 6.66 18.35 2.25
N GLN A 465 6.25 19.54 1.83
CA GLN A 465 5.01 20.14 2.29
C GLN A 465 3.93 20.11 1.20
N TYR A 466 4.32 20.54 0.01
CA TYR A 466 3.41 20.56 -1.14
C TYR A 466 4.13 19.91 -2.30
N GLY A 467 3.42 19.69 -3.40
CA GLY A 467 4.07 19.09 -4.56
C GLY A 467 3.18 18.99 -5.78
N ALA A 468 3.75 18.41 -6.84
CA ALA A 468 3.03 18.22 -8.09
C ALA A 468 3.57 16.95 -8.73
N SER A 469 2.69 16.22 -9.40
CA SER A 469 3.08 14.99 -10.08
C SER A 469 2.54 15.04 -11.50
N GLY A 470 3.04 14.15 -12.34
CA GLY A 470 2.59 14.10 -13.72
C GLY A 470 2.88 12.75 -14.33
N MET A 471 2.10 12.40 -15.34
CA MET A 471 2.29 11.15 -16.05
C MET A 471 1.97 11.39 -17.51
N ASP A 472 2.95 11.10 -18.37
CA ASP A 472 2.81 11.25 -19.82
C ASP A 472 2.14 9.94 -20.23
N LEU A 473 0.87 10.02 -20.61
CA LEU A 473 0.10 8.83 -20.97
C LEU A 473 0.27 8.33 -22.41
N SER A 474 0.44 7.02 -22.53
CA SER A 474 0.56 6.38 -23.83
C SER A 474 0.35 4.88 -23.62
N TYR A 475 -0.84 4.40 -23.94
CA TYR A 475 -1.15 2.99 -23.78
C TYR A 475 -0.72 2.17 -24.98
N GLY A 476 -0.31 0.94 -24.73
CA GLY A 476 0.12 0.07 -25.81
C GLY A 476 -1.04 -0.71 -26.42
N ALA A 477 -2.08 -0.94 -25.62
CA ALA A 477 -3.25 -1.69 -26.08
C ALA A 477 -4.07 -1.00 -27.16
N TYR A 478 -4.11 0.32 -27.12
CA TYR A 478 -4.85 1.11 -28.10
C TYR A 478 -4.27 2.51 -28.15
N ASN A 479 -4.60 3.23 -29.20
CA ASN A 479 -4.09 4.59 -29.37
C ASN A 479 -4.77 5.61 -28.47
N LEU A 480 -3.98 6.25 -27.62
CA LEU A 480 -4.48 7.28 -26.71
C LEU A 480 -3.30 7.93 -26.01
N SER A 481 -3.19 9.24 -26.15
CA SER A 481 -2.11 9.97 -25.51
C SER A 481 -2.68 11.16 -24.76
N ALA A 482 -1.93 11.66 -23.78
CA ALA A 482 -2.38 12.80 -22.98
C ALA A 482 -1.32 13.15 -21.96
N ARG A 483 -1.40 14.38 -21.46
CA ARG A 483 -0.49 14.85 -20.43
C ARG A 483 -1.40 14.93 -19.21
N LYS A 484 -1.04 14.27 -18.11
CA LYS A 484 -1.85 14.32 -16.91
C LYS A 484 -1.02 14.83 -15.75
N SER A 485 -1.55 15.83 -15.04
CA SER A 485 -0.86 16.43 -13.91
C SER A 485 -1.76 16.55 -12.69
N TRP A 486 -1.13 16.64 -11.53
CA TRP A 486 -1.83 16.78 -10.27
C TRP A 486 -1.02 17.77 -9.44
N PHE A 487 -1.70 18.73 -8.85
CA PHE A 487 -1.04 19.73 -8.02
C PHE A 487 -1.63 19.64 -6.62
N MET A 488 -0.79 19.31 -5.65
CA MET A 488 -1.20 19.13 -4.26
C MET A 488 -0.89 20.32 -3.35
N PHE A 489 -1.94 20.96 -2.85
CA PHE A 489 -1.78 22.10 -1.98
C PHE A 489 -2.26 21.72 -0.57
N ASP A 490 -2.88 22.65 0.15
CA ASP A 490 -3.33 22.32 1.50
C ASP A 490 -4.62 21.53 1.56
N ASP A 491 -5.67 21.99 0.88
CA ASP A 491 -6.93 21.25 0.89
C ASP A 491 -7.57 21.27 -0.49
N GLU A 492 -6.70 21.39 -1.49
CA GLU A 492 -7.11 21.40 -2.89
C GLU A 492 -6.14 20.53 -3.66
N ILE A 493 -6.66 19.65 -4.51
CA ILE A 493 -5.82 18.83 -5.37
C ILE A 493 -6.33 19.11 -6.78
N VAL A 494 -5.50 19.79 -7.58
CA VAL A 494 -5.91 20.14 -8.93
C VAL A 494 -5.41 19.13 -9.96
N ALA A 495 -6.35 18.60 -10.74
CA ALA A 495 -6.02 17.64 -11.77
C ALA A 495 -6.20 18.29 -13.14
N LEU A 496 -5.15 18.25 -13.95
CA LEU A 496 -5.20 18.83 -15.29
C LEU A 496 -4.85 17.79 -16.35
N GLY A 497 -5.54 17.88 -17.48
CA GLY A 497 -5.27 16.96 -18.56
C GLY A 497 -5.23 17.75 -19.85
N SER A 498 -4.26 17.46 -20.71
CA SER A 498 -4.13 18.17 -21.97
C SER A 498 -3.64 17.24 -23.08
N GLY A 499 -3.70 17.72 -24.32
CA GLY A 499 -3.24 16.94 -25.45
C GLY A 499 -3.88 15.56 -25.53
N ILE A 500 -5.13 15.45 -25.10
CA ILE A 500 -5.83 14.17 -25.14
C ILE A 500 -6.23 13.89 -26.60
N SER A 501 -5.54 12.93 -27.21
CA SER A 501 -5.79 12.58 -28.61
C SER A 501 -5.83 11.08 -28.84
N SER A 502 -6.65 10.65 -29.79
CA SER A 502 -6.78 9.23 -30.07
C SER A 502 -7.30 8.97 -31.48
N THR A 503 -6.91 7.82 -32.02
CA THR A 503 -7.36 7.38 -33.34
C THR A 503 -7.97 5.99 -33.16
N ALA A 504 -8.18 5.60 -31.91
CA ALA A 504 -8.72 4.28 -31.57
C ALA A 504 -10.17 4.00 -31.97
N GLY A 505 -10.96 5.05 -32.20
CA GLY A 505 -12.35 4.87 -32.58
C GLY A 505 -13.21 4.41 -31.40
N ILE A 506 -12.78 4.75 -30.19
CA ILE A 506 -13.48 4.38 -28.97
C ILE A 506 -13.67 5.64 -28.14
N PRO A 507 -14.84 5.84 -27.53
CA PRO A 507 -15.03 7.05 -26.72
C PRO A 507 -13.97 7.14 -25.63
N ILE A 508 -13.40 8.32 -25.47
CA ILE A 508 -12.36 8.53 -24.47
C ILE A 508 -12.96 9.29 -23.29
N GLU A 509 -12.65 8.86 -22.07
CA GLU A 509 -13.19 9.52 -20.90
C GLU A 509 -12.18 9.67 -19.79
N THR A 510 -12.40 10.68 -18.95
CA THR A 510 -11.54 10.90 -17.80
C THR A 510 -12.46 10.78 -16.59
N VAL A 511 -12.09 9.93 -15.65
CA VAL A 511 -12.91 9.71 -14.47
C VAL A 511 -12.60 10.73 -13.38
N VAL A 512 -13.59 11.54 -13.02
CA VAL A 512 -13.40 12.55 -11.97
C VAL A 512 -13.44 11.82 -10.63
N ASP A 513 -14.42 10.96 -10.45
CA ASP A 513 -14.49 10.18 -9.23
C ASP A 513 -15.46 9.02 -9.37
N ASN A 514 -15.34 8.08 -8.46
CA ASN A 514 -16.18 6.89 -8.43
C ASN A 514 -16.13 6.48 -6.98
N ARG A 515 -17.14 6.91 -6.22
CA ARG A 515 -17.19 6.65 -4.79
C ARG A 515 -18.27 5.69 -4.33
N LYS A 516 -17.90 4.80 -3.41
CA LYS A 516 -18.87 3.86 -2.86
C LYS A 516 -19.74 4.67 -1.90
N LEU A 517 -21.06 4.56 -2.07
CA LEU A 517 -22.03 5.30 -1.26
C LEU A 517 -22.52 4.50 -0.07
N ASN A 518 -23.47 5.05 0.67
CA ASN A 518 -24.01 4.35 1.85
C ASN A 518 -24.90 3.19 1.42
N GLY A 519 -25.36 2.41 2.39
CA GLY A 519 -26.20 1.26 2.09
C GLY A 519 -27.46 1.54 1.30
N ALA A 520 -28.05 2.71 1.51
CA ALA A 520 -29.27 3.09 0.81
C ALA A 520 -28.96 3.76 -0.52
N GLY A 521 -27.68 4.10 -0.71
CA GLY A 521 -27.25 4.77 -1.91
C GLY A 521 -27.92 6.12 -2.05
N ASP A 522 -28.29 6.74 -0.94
CA ASP A 522 -28.97 8.02 -1.01
C ASP A 522 -28.19 9.24 -0.55
N ASN A 523 -26.86 9.16 -0.58
CA ASN A 523 -26.01 10.28 -0.20
C ASN A 523 -26.50 11.54 -0.91
N ALA A 524 -26.67 12.62 -0.16
CA ALA A 524 -27.12 13.85 -0.78
C ALA A 524 -25.99 14.43 -1.63
N TRP A 525 -26.34 15.06 -2.73
CA TRP A 525 -25.34 15.69 -3.57
C TRP A 525 -25.95 16.87 -4.31
N THR A 526 -25.11 17.85 -4.62
CA THR A 526 -25.55 19.09 -5.22
C THR A 526 -24.65 19.55 -6.36
N ALA A 527 -25.20 20.31 -7.29
CA ALA A 527 -24.44 20.86 -8.41
C ALA A 527 -24.92 22.29 -8.64
N ASN A 528 -23.99 23.24 -8.69
CA ASN A 528 -24.34 24.64 -8.90
C ASN A 528 -25.39 25.12 -7.90
N GLY A 529 -25.33 24.59 -6.68
CA GLY A 529 -26.27 24.99 -5.65
C GLY A 529 -27.62 24.30 -5.65
N ALA A 530 -27.88 23.46 -6.64
CA ALA A 530 -29.16 22.75 -6.73
C ALA A 530 -29.03 21.27 -6.35
N ALA A 531 -29.92 20.82 -5.49
CA ALA A 531 -29.91 19.42 -5.06
C ALA A 531 -30.19 18.50 -6.22
N LEU A 532 -29.47 17.38 -6.27
CA LEU A 532 -29.64 16.38 -7.33
C LEU A 532 -30.36 15.15 -6.77
N SER A 533 -31.08 14.44 -7.65
CA SER A 533 -31.81 13.25 -7.21
C SER A 533 -30.87 12.22 -6.62
N THR A 534 -31.33 11.54 -5.58
CA THR A 534 -30.51 10.55 -4.88
C THR A 534 -30.86 9.09 -5.14
N GLY A 535 -31.75 8.84 -6.10
CA GLY A 535 -32.15 7.48 -6.38
C GLY A 535 -31.13 6.61 -7.11
N LEU A 536 -31.16 5.32 -6.81
CA LEU A 536 -30.27 4.35 -7.45
C LEU A 536 -30.79 3.98 -8.83
N GLY A 537 -29.87 3.65 -9.74
CA GLY A 537 -30.25 3.26 -11.08
C GLY A 537 -30.51 4.43 -12.00
N VAL A 538 -30.07 5.62 -11.59
CA VAL A 538 -30.29 6.81 -12.40
C VAL A 538 -29.02 7.39 -13.01
N ALA A 539 -29.02 7.53 -14.33
CA ALA A 539 -27.91 8.10 -15.05
C ALA A 539 -28.34 9.51 -15.45
N GLN A 540 -27.45 10.48 -15.31
CA GLN A 540 -27.80 11.84 -15.69
C GLN A 540 -26.59 12.68 -16.07
N THR A 541 -26.74 13.47 -17.12
CA THR A 541 -25.67 14.33 -17.58
C THR A 541 -25.87 15.73 -17.01
N LEU A 542 -24.79 16.30 -16.48
CA LEU A 542 -24.84 17.64 -15.91
C LEU A 542 -24.09 18.56 -16.85
N THR A 543 -24.76 19.58 -17.37
CA THR A 543 -24.13 20.51 -18.29
C THR A 543 -23.90 21.87 -17.65
N GLY A 544 -22.81 22.53 -18.03
CA GLY A 544 -22.50 23.83 -17.48
C GLY A 544 -22.27 23.77 -15.98
N VAL A 545 -21.64 22.69 -15.52
CA VAL A 545 -21.37 22.51 -14.10
C VAL A 545 -20.13 23.28 -13.65
N ASN A 546 -20.30 24.06 -12.57
CA ASN A 546 -19.20 24.82 -12.01
C ASN A 546 -18.68 24.06 -10.80
N TRP A 547 -19.59 23.47 -10.05
CA TRP A 547 -19.20 22.69 -8.88
C TRP A 547 -20.21 21.63 -8.50
N VAL A 548 -19.70 20.59 -7.84
CA VAL A 548 -20.50 19.49 -7.35
C VAL A 548 -20.07 19.18 -5.93
N HIS A 549 -21.03 18.82 -5.08
CA HIS A 549 -20.73 18.46 -3.70
C HIS A 549 -21.39 17.11 -3.45
N LEU A 550 -20.63 16.19 -2.87
CA LEU A 550 -21.16 14.87 -2.56
C LEU A 550 -21.02 14.63 -1.06
N ALA A 551 -22.15 14.45 -0.39
CA ALA A 551 -22.13 14.19 1.06
C ALA A 551 -21.53 12.82 1.31
N GLY A 552 -20.67 12.72 2.32
CA GLY A 552 -20.03 11.44 2.62
C GLY A 552 -20.85 10.44 3.40
N ASN A 553 -20.27 9.28 3.66
CA ASN A 553 -20.95 8.22 4.40
C ASN A 553 -20.92 8.44 5.92
N THR A 554 -20.21 9.49 6.34
CA THR A 554 -20.14 9.83 7.76
C THR A 554 -20.75 11.23 7.92
N ALA A 555 -21.28 11.51 9.10
CA ALA A 555 -21.89 12.81 9.36
C ALA A 555 -20.93 13.96 9.07
N ASP A 556 -19.66 13.77 9.44
CA ASP A 556 -18.64 14.80 9.21
C ASP A 556 -17.33 14.15 8.78
N GLY A 557 -16.50 14.93 8.07
CA GLY A 557 -15.21 14.44 7.65
C GLY A 557 -15.13 13.57 6.41
N SER A 558 -16.22 13.41 5.67
CA SER A 558 -16.15 12.58 4.47
C SER A 558 -16.81 13.20 3.23
N ASP A 559 -17.18 14.48 3.32
CA ASP A 559 -17.77 15.16 2.17
C ASP A 559 -16.67 15.45 1.16
N ILE A 560 -17.03 15.56 -0.12
CA ILE A 560 -16.05 15.87 -1.14
C ILE A 560 -16.64 16.86 -2.12
N GLY A 561 -15.89 17.93 -2.39
CA GLY A 561 -16.33 18.94 -3.33
C GLY A 561 -15.52 18.81 -4.60
N TYR A 562 -16.08 19.25 -5.72
CA TYR A 562 -15.39 19.20 -7.01
C TYR A 562 -15.64 20.51 -7.73
N TYR A 563 -14.57 21.23 -8.05
CA TYR A 563 -14.69 22.50 -8.74
C TYR A 563 -14.16 22.38 -10.17
N PHE A 564 -14.89 22.95 -11.11
CA PHE A 564 -14.50 22.88 -12.52
C PHE A 564 -14.26 24.26 -13.13
N PRO A 565 -12.97 24.68 -13.18
CA PRO A 565 -12.63 25.97 -13.75
C PRO A 565 -13.15 26.09 -15.19
N GLY A 566 -13.85 27.17 -15.49
CA GLY A 566 -14.37 27.36 -16.83
C GLY A 566 -15.64 26.58 -17.12
N GLY A 567 -16.07 25.77 -16.15
CA GLY A 567 -17.27 24.98 -16.32
C GLY A 567 -17.02 23.68 -17.07
N ALA A 568 -17.89 22.69 -16.85
CA ALA A 568 -17.73 21.42 -17.53
C ALA A 568 -19.04 20.66 -17.68
N THR A 569 -19.03 19.68 -18.58
CA THR A 569 -20.18 18.84 -18.80
C THR A 569 -19.76 17.53 -18.16
N LEU A 570 -20.52 17.07 -17.18
CA LEU A 570 -20.18 15.86 -16.46
C LEU A 570 -21.18 14.75 -16.67
N GLN A 571 -20.68 13.57 -17.02
CA GLN A 571 -21.52 12.40 -17.22
C GLN A 571 -21.54 11.73 -15.85
N THR A 572 -22.71 11.32 -15.39
CA THR A 572 -22.79 10.69 -14.08
C THR A 572 -23.84 9.58 -14.05
N LYS A 573 -23.73 8.75 -13.02
CA LYS A 573 -24.70 7.68 -12.79
C LYS A 573 -24.54 7.22 -11.37
N ARG A 574 -25.67 6.84 -10.77
CA ARG A 574 -25.69 6.33 -9.41
C ARG A 574 -26.31 4.94 -9.54
N GLU A 575 -25.59 3.93 -9.10
CA GLU A 575 -26.08 2.57 -9.25
C GLU A 575 -25.59 1.58 -8.22
N ALA A 576 -26.33 0.48 -8.11
CA ALA A 576 -25.98 -0.60 -7.21
C ALA A 576 -25.28 -1.61 -8.10
N ARG A 577 -24.05 -1.98 -7.75
CA ARG A 577 -23.28 -2.92 -8.54
C ARG A 577 -23.06 -4.23 -7.77
N THR A 578 -23.23 -5.34 -8.45
CA THR A 578 -23.05 -6.65 -7.83
C THR A 578 -21.89 -7.39 -8.47
N GLY A 579 -21.15 -8.13 -7.64
CA GLY A 579 -20.01 -8.89 -8.12
C GLY A 579 -19.59 -9.88 -7.06
N THR A 580 -18.50 -10.59 -7.30
CA THR A 580 -17.97 -11.55 -6.34
C THR A 580 -16.45 -11.46 -6.36
N TRP A 581 -15.81 -11.81 -5.25
CA TRP A 581 -14.37 -11.76 -5.20
C TRP A 581 -13.78 -12.77 -6.18
N LYS A 582 -14.54 -13.84 -6.44
CA LYS A 582 -14.09 -14.88 -7.37
C LYS A 582 -13.85 -14.28 -8.75
N GLN A 583 -14.62 -13.25 -9.10
CA GLN A 583 -14.51 -12.58 -10.39
C GLN A 583 -13.15 -11.86 -10.58
N ILE A 584 -12.51 -11.47 -9.48
CA ILE A 584 -11.22 -10.80 -9.57
C ILE A 584 -10.10 -11.59 -8.91
N ASN A 585 -10.41 -12.80 -8.48
CA ASN A 585 -9.43 -13.66 -7.81
C ASN A 585 -9.92 -15.09 -7.99
N ASN A 586 -9.59 -15.68 -9.14
CA ASN A 586 -10.04 -17.02 -9.46
C ASN A 586 -9.24 -18.15 -8.82
N ARG A 587 -9.37 -18.28 -7.50
CA ARG A 587 -8.69 -19.33 -6.76
C ARG A 587 -9.75 -20.09 -5.95
N PRO A 588 -9.52 -21.38 -5.71
CA PRO A 588 -10.48 -22.19 -4.94
C PRO A 588 -10.88 -21.64 -3.56
N ALA A 589 -9.96 -20.95 -2.90
CA ALA A 589 -10.23 -20.40 -1.59
C ALA A 589 -11.13 -19.16 -1.64
N THR A 590 -11.17 -18.52 -2.80
CA THR A 590 -11.97 -17.31 -2.96
C THR A 590 -13.48 -17.55 -2.92
N PRO A 591 -14.20 -16.77 -2.09
CA PRO A 591 -15.66 -16.93 -1.98
C PRO A 591 -16.36 -16.44 -3.26
N SER A 592 -17.37 -17.18 -3.70
CA SER A 592 -18.11 -16.81 -4.90
C SER A 592 -19.43 -16.13 -4.53
N THR A 593 -19.56 -15.79 -3.26
CA THR A 593 -20.75 -15.13 -2.74
C THR A 593 -20.94 -13.76 -3.38
N ALA A 594 -22.17 -13.46 -3.80
CA ALA A 594 -22.45 -12.17 -4.42
C ALA A 594 -22.52 -11.07 -3.39
N VAL A 595 -22.00 -9.90 -3.74
CA VAL A 595 -22.03 -8.74 -2.86
C VAL A 595 -22.47 -7.55 -3.69
N THR A 596 -23.25 -6.66 -3.09
CA THR A 596 -23.76 -5.47 -3.77
C THR A 596 -23.39 -4.19 -3.04
N ARG A 597 -22.81 -3.24 -3.76
CA ARG A 597 -22.44 -1.95 -3.18
C ARG A 597 -22.90 -0.85 -4.12
N ASN A 598 -23.15 0.33 -3.56
CA ASN A 598 -23.63 1.46 -4.35
C ASN A 598 -22.54 2.46 -4.69
N TYR A 599 -22.65 3.08 -5.88
CA TYR A 599 -21.66 4.04 -6.34
C TYR A 599 -22.19 5.29 -7.02
N GLU A 600 -21.44 6.38 -6.88
CA GLU A 600 -21.75 7.62 -7.58
C GLU A 600 -20.52 7.71 -8.47
N THR A 601 -20.73 7.69 -9.78
CA THR A 601 -19.61 7.73 -10.72
C THR A 601 -19.75 8.93 -11.63
N MET A 602 -18.67 9.68 -11.77
CA MET A 602 -18.69 10.89 -12.59
C MET A 602 -17.47 10.93 -13.50
N TRP A 603 -17.68 11.25 -14.77
CA TRP A 603 -16.59 11.32 -15.72
C TRP A 603 -16.85 12.34 -16.83
N ILE A 604 -15.80 12.67 -17.57
CA ILE A 604 -15.90 13.61 -18.67
C ILE A 604 -15.75 12.84 -19.99
N ASP A 605 -16.71 13.06 -20.88
CA ASP A 605 -16.74 12.43 -22.20
C ASP A 605 -15.95 13.28 -23.19
N HIS A 606 -14.77 12.81 -23.58
CA HIS A 606 -13.95 13.55 -24.53
C HIS A 606 -14.32 13.21 -25.96
N GLY A 607 -15.26 12.27 -26.12
CA GLY A 607 -15.71 11.86 -27.43
C GLY A 607 -14.81 10.81 -28.06
N THR A 608 -15.17 10.37 -29.26
CA THR A 608 -14.40 9.37 -29.99
C THR A 608 -13.41 10.12 -30.88
N ASN A 609 -12.17 9.62 -30.92
CA ASN A 609 -11.12 10.23 -31.71
C ASN A 609 -10.92 11.72 -31.40
N PRO A 610 -10.71 12.05 -30.12
CA PRO A 610 -10.51 13.46 -29.76
C PRO A 610 -9.13 13.91 -30.26
N SER A 611 -8.95 15.21 -30.37
CA SER A 611 -7.68 15.77 -30.80
C SER A 611 -7.37 16.96 -29.92
N GLY A 612 -6.39 16.81 -29.05
CA GLY A 612 -6.02 17.89 -28.16
C GLY A 612 -7.06 18.24 -27.12
N ALA A 613 -7.85 17.27 -26.68
CA ALA A 613 -8.87 17.53 -25.67
C ALA A 613 -8.18 17.79 -24.33
N SER A 614 -8.94 18.30 -23.37
CA SER A 614 -8.38 18.63 -22.06
C SER A 614 -9.45 18.62 -20.99
N TYR A 615 -9.00 18.71 -19.74
CA TYR A 615 -9.90 18.75 -18.59
C TYR A 615 -9.19 19.44 -17.44
N GLY A 616 -9.97 19.86 -16.47
CA GLY A 616 -9.41 20.50 -15.29
C GLY A 616 -10.43 20.50 -14.17
N TYR A 617 -10.07 19.91 -13.04
CA TYR A 617 -10.97 19.88 -11.91
C TYR A 617 -10.19 19.96 -10.60
N VAL A 618 -10.88 20.37 -9.55
CA VAL A 618 -10.26 20.51 -8.25
C VAL A 618 -10.99 19.66 -7.23
N LEU A 619 -10.25 18.77 -6.57
CA LEU A 619 -10.81 17.93 -5.52
C LEU A 619 -10.73 18.78 -4.26
N LEU A 620 -11.86 18.91 -3.58
CA LEU A 620 -11.96 19.72 -2.37
C LEU A 620 -12.44 18.88 -1.19
N PRO A 621 -11.52 18.20 -0.50
CA PRO A 621 -11.89 17.37 0.65
C PRO A 621 -12.49 18.13 1.82
N ASN A 622 -13.48 17.53 2.45
CA ASN A 622 -14.13 18.06 3.63
C ASN A 622 -14.77 19.45 3.62
N LYS A 623 -15.46 19.78 2.55
CA LYS A 623 -16.15 21.05 2.46
C LYS A 623 -17.63 20.74 2.37
N THR A 624 -18.45 21.55 3.02
CA THR A 624 -19.90 21.36 2.96
C THR A 624 -20.36 21.91 1.61
N SER A 625 -21.62 21.64 1.24
CA SER A 625 -22.13 22.15 -0.02
C SER A 625 -21.98 23.67 -0.03
N ALA A 626 -22.36 24.30 1.09
CA ALA A 626 -22.26 25.75 1.22
C ALA A 626 -20.83 26.22 0.97
N GLN A 627 -19.87 25.52 1.56
CA GLN A 627 -18.47 25.87 1.42
C GLN A 627 -17.93 25.69 0.00
N VAL A 628 -18.47 24.73 -0.74
CA VAL A 628 -18.03 24.51 -2.10
C VAL A 628 -18.56 25.65 -2.97
N GLY A 629 -19.79 26.06 -2.70
CA GLY A 629 -20.37 27.15 -3.46
C GLY A 629 -19.59 28.44 -3.20
N ALA A 630 -19.14 28.61 -1.96
CA ALA A 630 -18.38 29.79 -1.59
C ALA A 630 -17.02 29.77 -2.30
N TYR A 631 -16.44 28.57 -2.39
CA TYR A 631 -15.16 28.39 -3.06
C TYR A 631 -15.27 28.79 -4.53
N ALA A 632 -16.35 28.34 -5.17
CA ALA A 632 -16.58 28.65 -6.58
C ALA A 632 -16.72 30.15 -6.85
N ALA A 633 -17.13 30.89 -5.84
CA ALA A 633 -17.29 32.34 -5.99
C ALA A 633 -15.95 33.07 -5.99
N ASP A 634 -14.92 32.40 -5.51
CA ASP A 634 -13.58 32.98 -5.43
C ASP A 634 -12.58 31.84 -5.28
N PRO A 635 -12.41 31.02 -6.33
CA PRO A 635 -11.48 29.89 -6.27
C PRO A 635 -10.04 30.26 -5.92
N ALA A 636 -9.46 29.51 -4.98
CA ALA A 636 -8.10 29.77 -4.52
C ALA A 636 -7.03 29.31 -5.50
N ILE A 637 -7.41 28.59 -6.54
CA ILE A 637 -6.43 28.16 -7.54
C ILE A 637 -6.75 28.79 -8.88
N GLU A 638 -5.70 28.99 -9.67
CA GLU A 638 -5.82 29.58 -11.00
C GLU A 638 -5.01 28.72 -11.96
N ILE A 639 -5.62 28.32 -13.07
CA ILE A 639 -4.91 27.52 -14.05
C ILE A 639 -4.06 28.47 -14.88
N VAL A 640 -2.74 28.32 -14.76
CA VAL A 640 -1.79 29.17 -15.47
C VAL A 640 -1.66 28.70 -16.92
N VAL A 641 -1.59 27.40 -17.12
CA VAL A 641 -1.46 26.83 -18.44
C VAL A 641 -1.88 25.38 -18.43
N ASN A 642 -2.45 24.93 -19.55
CA ASN A 642 -2.87 23.56 -19.68
C ASN A 642 -2.77 23.14 -21.14
N THR A 643 -1.54 23.17 -21.66
CA THR A 643 -1.26 22.80 -23.04
C THR A 643 -0.45 21.50 -23.06
N SER A 644 -0.22 20.97 -24.25
CA SER A 644 0.54 19.72 -24.33
C SER A 644 1.99 19.98 -23.93
N GLY A 645 2.41 21.24 -23.99
CA GLY A 645 3.78 21.58 -23.62
C GLY A 645 3.99 21.86 -22.14
N VAL A 646 3.00 22.43 -21.48
CA VAL A 646 3.14 22.76 -20.07
C VAL A 646 1.80 22.87 -19.34
N GLN A 647 1.77 22.34 -18.12
CA GLN A 647 0.57 22.41 -17.28
C GLN A 647 1.01 23.08 -15.99
N SER A 648 0.33 24.16 -15.63
CA SER A 648 0.69 24.92 -14.43
C SER A 648 -0.51 25.46 -13.69
N VAL A 649 -0.42 25.45 -12.36
CA VAL A 649 -1.49 25.93 -11.50
C VAL A 649 -0.91 26.81 -10.40
N LYS A 650 -1.60 27.89 -10.07
CA LYS A 650 -1.17 28.79 -9.03
C LYS A 650 -2.17 28.80 -7.89
N GLU A 651 -1.67 28.84 -6.66
CA GLU A 651 -2.52 28.91 -5.47
C GLU A 651 -2.06 30.23 -4.84
N LYS A 652 -2.78 31.30 -5.16
CA LYS A 652 -2.46 32.64 -4.69
C LYS A 652 -2.28 32.82 -3.18
N THR A 653 -3.18 32.23 -2.41
CA THR A 653 -3.14 32.35 -0.96
C THR A 653 -1.84 31.82 -0.35
N LEU A 654 -1.36 30.71 -0.87
CA LEU A 654 -0.14 30.07 -0.39
C LEU A 654 1.09 30.56 -1.15
N GLY A 655 0.87 31.34 -2.21
CA GLY A 655 1.96 31.85 -3.01
C GLY A 655 2.67 30.76 -3.78
N LEU A 656 1.95 29.67 -4.04
CA LEU A 656 2.51 28.53 -4.75
C LEU A 656 2.21 28.49 -6.24
N VAL A 657 3.20 28.08 -7.03
CA VAL A 657 3.03 27.93 -8.47
C VAL A 657 3.70 26.63 -8.85
N GLY A 658 2.92 25.70 -9.38
CA GLY A 658 3.47 24.43 -9.81
C GLY A 658 3.43 24.38 -11.32
N ALA A 659 4.42 23.73 -11.92
CA ALA A 659 4.47 23.63 -13.38
C ALA A 659 5.19 22.37 -13.83
N ASN A 660 4.53 21.62 -14.72
CA ASN A 660 5.09 20.42 -15.29
C ASN A 660 5.41 20.76 -16.75
N PHE A 661 6.67 20.59 -17.13
CA PHE A 661 7.11 20.87 -18.50
C PHE A 661 7.30 19.54 -19.21
N TRP A 662 6.52 19.32 -20.26
CA TRP A 662 6.53 18.06 -20.99
C TRP A 662 7.50 17.84 -22.14
N THR A 663 8.13 18.91 -22.61
CA THR A 663 9.08 18.77 -23.72
C THR A 663 10.44 19.35 -23.36
N ASP A 664 11.44 19.01 -24.17
CA ASP A 664 12.79 19.52 -23.96
C ASP A 664 12.99 20.79 -24.76
N THR A 665 12.08 21.74 -24.60
CA THR A 665 12.15 23.03 -25.29
C THR A 665 11.91 24.11 -24.25
N THR A 666 12.49 25.28 -24.46
CA THR A 666 12.31 26.38 -23.54
C THR A 666 10.85 26.84 -23.50
N GLN A 667 10.25 26.78 -22.31
CA GLN A 667 8.86 27.18 -22.12
C GLN A 667 8.72 27.97 -20.83
N THR A 668 7.70 28.81 -20.76
CA THR A 668 7.46 29.62 -19.57
C THR A 668 6.03 29.45 -19.05
N ALA A 669 5.91 29.38 -17.72
CA ALA A 669 4.62 29.27 -17.06
C ALA A 669 4.68 30.24 -15.90
N ASP A 670 3.96 31.35 -16.02
CA ASP A 670 3.97 32.38 -14.99
C ASP A 670 5.42 32.82 -14.81
N LEU A 671 5.92 32.83 -13.58
CA LEU A 671 7.31 33.25 -13.33
C LEU A 671 8.37 32.20 -13.66
N ILE A 672 7.94 30.97 -13.96
CA ILE A 672 8.88 29.90 -14.24
C ILE A 672 9.21 29.59 -15.69
N THR A 673 10.50 29.53 -16.00
CA THR A 673 10.98 29.17 -17.34
C THR A 673 11.88 27.95 -17.18
N SER A 674 11.68 26.96 -18.05
CA SER A 674 12.51 25.75 -18.02
C SER A 674 12.92 25.44 -19.45
N ASN A 675 14.10 24.86 -19.63
CA ASN A 675 14.57 24.53 -20.96
C ASN A 675 14.37 23.04 -21.26
N LYS A 676 13.96 22.28 -20.25
CA LYS A 676 13.77 20.84 -20.44
C LYS A 676 12.64 20.23 -19.63
N LYS A 677 12.39 18.95 -19.87
CA LYS A 677 11.34 18.23 -19.15
C LYS A 677 11.65 18.39 -17.67
N ALA A 678 10.65 18.78 -16.90
CA ALA A 678 10.84 18.98 -15.47
C ALA A 678 9.55 19.17 -14.71
N SER A 679 9.62 18.96 -13.40
CA SER A 679 8.47 19.17 -12.53
C SER A 679 9.01 20.25 -11.59
N VAL A 680 8.33 21.38 -11.54
CA VAL A 680 8.78 22.50 -10.72
C VAL A 680 7.70 23.10 -9.83
N MET A 681 8.10 23.52 -8.64
CA MET A 681 7.18 24.19 -7.73
C MET A 681 7.90 25.29 -7.00
N THR A 682 7.28 26.46 -6.96
CA THR A 682 7.86 27.61 -6.28
C THR A 682 6.87 28.13 -5.25
N ARG A 683 7.38 28.80 -4.22
CA ARG A 683 6.53 29.40 -3.23
C ARG A 683 7.08 30.80 -2.98
N GLU A 684 6.25 31.80 -3.23
CA GLU A 684 6.67 33.17 -3.03
C GLU A 684 5.98 33.81 -1.83
N ILE A 685 6.81 34.36 -0.94
CA ILE A 685 6.31 35.06 0.23
C ILE A 685 6.70 36.49 -0.10
N ALA A 686 5.70 37.29 -0.45
CA ALA A 686 5.90 38.68 -0.84
C ALA A 686 6.97 39.44 -0.05
N ASP A 687 7.97 39.96 -0.77
CA ASP A 687 9.06 40.71 -0.18
C ASP A 687 9.86 40.00 0.90
N GLU A 688 9.76 38.67 0.93
CA GLU A 688 10.48 37.88 1.91
C GLU A 688 11.38 36.86 1.24
N ARG A 689 10.77 35.88 0.58
CA ARG A 689 11.55 34.85 -0.10
C ARG A 689 10.80 34.15 -1.21
N LEU A 690 11.56 33.43 -2.02
CA LEU A 690 11.02 32.66 -3.12
C LEU A 690 11.69 31.29 -3.09
N GLU A 691 10.92 30.27 -2.73
CA GLU A 691 11.42 28.90 -2.67
C GLU A 691 11.21 28.25 -4.02
N ALA A 692 12.07 27.30 -4.36
CA ALA A 692 11.95 26.59 -5.62
C ALA A 692 12.48 25.17 -5.50
N SER A 693 11.73 24.22 -6.03
CA SER A 693 12.12 22.81 -6.04
C SER A 693 11.95 22.34 -7.46
N VAL A 694 12.90 21.53 -7.93
CA VAL A 694 12.89 21.02 -9.30
C VAL A 694 13.31 19.56 -9.36
N SER A 695 12.72 18.81 -10.27
CA SER A 695 13.09 17.41 -10.44
C SER A 695 13.00 17.05 -11.91
N ASP A 696 13.70 15.98 -12.28
CA ASP A 696 13.67 15.44 -13.64
C ASP A 696 12.92 14.13 -13.47
N PRO A 697 11.60 14.13 -13.68
CA PRO A 697 10.81 12.90 -13.54
C PRO A 697 11.20 11.77 -14.48
N THR A 698 11.80 12.10 -15.62
CA THR A 698 12.19 11.06 -16.57
C THR A 698 13.33 10.17 -16.07
N GLN A 699 14.09 10.68 -15.10
CA GLN A 699 15.23 9.98 -14.53
C GLN A 699 16.20 9.57 -15.64
N ALA A 700 16.20 10.32 -16.74
CA ALA A 700 17.06 10.02 -17.88
C ALA A 700 17.89 11.20 -18.40
N ASN A 701 17.71 12.37 -17.81
CA ASN A 701 18.47 13.56 -18.23
C ASN A 701 19.86 13.37 -17.61
N ASN A 702 20.89 13.26 -18.46
CA ASN A 702 22.24 13.05 -17.97
C ASN A 702 23.02 14.35 -17.74
N GLY A 703 22.32 15.48 -17.86
CA GLY A 703 22.97 16.76 -17.65
C GLY A 703 22.26 17.62 -16.62
N THR A 704 21.66 18.72 -17.07
CA THR A 704 20.98 19.62 -16.17
C THR A 704 19.65 20.13 -16.71
N ILE A 705 18.93 20.83 -15.84
CA ILE A 705 17.68 21.49 -16.17
C ILE A 705 17.99 22.95 -15.85
N ALA A 706 17.83 23.84 -16.83
CA ALA A 706 18.11 25.25 -16.60
C ALA A 706 16.80 25.98 -16.28
N ILE A 707 16.75 26.60 -15.11
CA ILE A 707 15.57 27.31 -14.66
C ILE A 707 15.81 28.81 -14.52
N GLU A 708 14.81 29.60 -14.88
CA GLU A 708 14.88 31.05 -14.72
C GLU A 708 13.59 31.45 -14.01
N LEU A 709 13.73 32.24 -12.94
CA LEU A 709 12.57 32.71 -12.19
C LEU A 709 12.48 34.23 -12.33
N ALA A 710 11.30 34.70 -12.73
CA ALA A 710 11.08 36.12 -12.98
C ALA A 710 10.96 37.01 -11.74
N ARG A 711 11.97 36.95 -10.88
CA ARG A 711 12.02 37.77 -9.68
C ARG A 711 13.49 38.12 -9.42
N SER A 712 13.70 39.23 -8.72
CA SER A 712 15.05 39.69 -8.39
C SER A 712 15.35 39.28 -6.94
N ALA A 713 16.45 38.58 -6.72
CA ALA A 713 16.82 38.13 -5.38
C ALA A 713 18.04 38.85 -4.82
N GLU A 714 18.14 38.88 -3.49
CA GLU A 714 19.25 39.52 -2.80
C GLU A 714 20.33 38.48 -2.50
N GLY A 715 19.91 37.25 -2.25
CA GLY A 715 20.85 36.18 -1.95
C GLY A 715 20.18 34.83 -2.05
N TYR A 716 20.91 33.76 -1.73
CA TYR A 716 20.33 32.42 -1.81
C TYR A 716 21.12 31.36 -1.06
N SER A 717 20.50 30.19 -0.97
CA SER A 717 21.09 29.00 -0.39
C SER A 717 20.38 27.90 -1.17
N ALA A 718 21.07 26.80 -1.46
CA ALA A 718 20.44 25.73 -2.22
C ALA A 718 21.14 24.39 -2.05
N ASP A 719 20.43 23.33 -2.38
CA ASP A 719 20.98 21.98 -2.30
C ASP A 719 22.20 21.87 -3.19
N PRO A 720 23.14 20.97 -2.83
CA PRO A 720 24.29 20.85 -3.70
C PRO A 720 23.68 20.15 -4.92
N GLY A 721 24.06 20.59 -6.11
CA GLY A 721 23.49 20.02 -7.31
C GLY A 721 22.93 21.19 -8.09
N ILE A 722 22.55 22.23 -7.36
CA ILE A 722 22.02 23.45 -7.96
C ILE A 722 23.14 24.48 -8.04
N THR A 723 23.30 25.07 -9.21
CA THR A 723 24.32 26.11 -9.39
C THR A 723 23.63 27.38 -9.84
N VAL A 724 23.67 28.41 -8.99
CA VAL A 724 23.05 29.69 -9.30
C VAL A 724 24.03 30.58 -10.05
N THR A 725 23.61 31.09 -11.21
CA THR A 725 24.47 31.95 -12.01
C THR A 725 24.02 33.41 -12.04
N GLN A 726 22.79 33.67 -11.61
CA GLN A 726 22.27 35.03 -11.59
C GLN A 726 21.18 35.20 -10.56
N LEU A 727 21.17 36.35 -9.89
CA LEU A 727 20.17 36.66 -8.89
C LEU A 727 19.30 37.84 -9.32
N ALA A 728 19.87 38.73 -10.13
CA ALA A 728 19.15 39.90 -10.63
C ALA A 728 19.63 40.24 -12.03
N PRO A 729 18.75 40.84 -12.85
CA PRO A 729 17.37 41.25 -12.58
C PRO A 729 16.41 40.06 -12.41
N THR A 730 16.86 38.88 -12.81
CA THR A 730 16.06 37.66 -12.67
C THR A 730 16.95 36.55 -12.14
N ILE A 731 16.32 35.52 -11.58
CA ILE A 731 17.04 34.38 -11.01
C ILE A 731 17.29 33.31 -12.07
N LYS A 732 18.53 32.84 -12.13
CA LYS A 732 18.91 31.79 -13.08
C LYS A 732 19.80 30.76 -12.38
N PHE A 733 19.50 29.49 -12.61
CA PHE A 733 20.30 28.42 -12.04
C PHE A 733 20.09 27.13 -12.82
N THR A 734 21.03 26.20 -12.67
CA THR A 734 20.90 24.91 -13.33
C THR A 734 20.86 23.85 -12.24
N VAL A 735 20.18 22.75 -12.53
CA VAL A 735 20.06 21.66 -11.58
C VAL A 735 20.70 20.42 -12.19
N ASN A 736 21.76 19.91 -11.56
CA ASN A 736 22.41 18.71 -12.06
C ASN A 736 21.56 17.52 -11.69
N VAL A 737 20.97 16.88 -12.69
CA VAL A 737 20.10 15.74 -12.43
C VAL A 737 20.66 14.40 -12.87
N ASN A 738 21.94 14.36 -13.20
CA ASN A 738 22.56 13.10 -13.61
C ASN A 738 22.47 12.09 -12.46
N GLY A 739 21.79 10.97 -12.72
CA GLY A 739 21.63 9.94 -11.72
C GLY A 739 20.79 10.35 -10.51
N ALA A 740 19.97 11.38 -10.66
CA ALA A 740 19.14 11.86 -9.55
C ALA A 740 17.99 10.91 -9.19
N LYS A 741 17.63 10.03 -10.11
CA LYS A 741 16.55 9.08 -9.87
C LYS A 741 15.24 9.73 -9.44
N GLY A 742 14.92 10.86 -10.03
CA GLY A 742 13.67 11.54 -9.73
C GLY A 742 13.56 12.38 -8.47
N LYS A 743 14.68 12.57 -7.76
CA LYS A 743 14.65 13.36 -6.53
C LYS A 743 14.44 14.84 -6.84
N SER A 744 14.01 15.59 -5.84
CA SER A 744 13.78 17.02 -6.01
C SER A 744 14.95 17.79 -5.40
N PHE A 745 15.34 18.88 -6.06
CA PHE A 745 16.42 19.73 -5.57
C PHE A 745 15.78 21.05 -5.17
N HIS A 746 16.13 21.55 -4.00
CA HIS A 746 15.56 22.77 -3.47
C HIS A 746 16.51 23.96 -3.34
N ALA A 747 15.97 25.15 -3.53
CA ALA A 747 16.72 26.39 -3.40
C ALA A 747 15.84 27.43 -2.71
N SER A 748 16.46 28.33 -1.97
CA SER A 748 15.75 29.39 -1.28
C SER A 748 16.38 30.73 -1.65
N PHE A 749 15.59 31.63 -2.24
CA PHE A 749 16.11 32.94 -2.62
C PHE A 749 15.55 34.06 -1.76
N GLN A 750 16.43 34.92 -1.26
CA GLN A 750 16.04 36.07 -0.44
C GLN A 750 15.58 37.11 -1.45
N LEU A 751 14.39 37.67 -1.25
CA LEU A 751 13.87 38.66 -2.19
C LEU A 751 14.20 40.11 -1.88
N GLY A 752 14.44 40.87 -2.95
CA GLY A 752 14.77 42.28 -2.82
C GLY A 752 15.51 42.81 -4.02
O3 46M B . 1.22 -13.07 0.52
C3 46M B . 1.79 -14.18 -0.18
C4 46M B . 0.70 -15.25 -0.41
O4 46M B . 0.25 -15.78 0.84
C7 46M B . -0.76 -16.79 0.68
C9 46M B . -2.07 -16.18 0.17
O7 46M B . -2.35 -15.03 0.58
O8 46M B . -2.77 -16.87 -0.60
C8 46M B . -1.02 -17.43 2.05
O6 46M B . -0.30 -17.83 -0.20
C6 46M B . 0.17 -17.37 -1.47
C5 46M B . 1.29 -16.36 -1.26
O5 46M B . 1.75 -15.84 -2.52
C1 46M B . 2.84 -14.91 -2.33
O1 46M B . 3.29 -14.48 -3.62
C2 46M B . 2.36 -13.71 -1.52
O2 46M B . 1.35 -13.01 -2.25
#